data_1Y8L
# 
_entry.id   1Y8L 
# 
_audit_conform.dict_name       mmcif_pdbx.dic 
_audit_conform.dict_version    5.376 
_audit_conform.dict_location   http://mmcif.pdb.org/dictionaries/ascii/mmcif_pdbx.dic 
# 
loop_
_database_2.database_id 
_database_2.database_code 
_database_2.pdbx_database_accession 
_database_2.pdbx_DOI 
PDB   1Y8L         pdb_00001y8l 10.2210/pdb1y8l/pdb 
NDB   AD0041       ?            ?                   
RCSB  RCSB031252   ?            ?                   
WWPDB D_1000031252 ?            ?                   
# 
loop_
_pdbx_database_related.db_name 
_pdbx_database_related.db_id 
_pdbx_database_related.details 
_pdbx_database_related.content_type 
PDB 1Y7F 
;Crystal structure of the A-DNA GCGTAT*CGC with a 2'-O-[2-[hydroxy(methyleneamino)oxy]ethyl] Thymidine (T*)
;
unspecified 
PDB 1Y84 
;Crystal structure of the A-DNA GCGTAT*CGC with a 2'-O-[2-(imidazolyl)ethyl] Thymidine (T*)
;
unspecified 
PDB 1Y86 
;Crystal structure of the A-DNA GCGTAT*CGC with a 2'-O-[2-(fluoro)ethyl] Thymidine (T*)
;
unspecified 
PDB 1Y8V 
;Crystal structure of the A-DNA GCGTAT*CGC with a 2'-O-propyl Thymidine (T*)
;
unspecified 
PDB 1Y9F 
;Crystal structure of the A-DNA GCGTAT*CGC with a 2'-O-allyl Thymidine (T*)
;
unspecified 
PDB 1Y9S 
;Crystal structure of the A-DNA GCGTAT*CGC with a 2'-O-propargyl Thymidine (T*)
;
unspecified 
PDB 1WV5 
;X-RAY STRUCTURE OF THE A-DECAMER GCGTATACGC WITH A SINGLE 2'-O-BUTYL  THYMINE IN PLACE OF T6, MG-FORM
;
unspecified 
PDB 1WV6 
;X-RAY STRUCTURE OF THE A-DECAMER GCGTATACGC WITH A SINGLE 2'-O-BUTYL  THYMINE IN PLACE OF T6, SR-FORM
;
unspecified 
# 
_pdbx_database_status.status_code                     REL 
_pdbx_database_status.entry_id                        1Y8L 
_pdbx_database_status.recvd_initial_deposition_date   2004-12-13 
_pdbx_database_status.deposit_site                    RCSB 
_pdbx_database_status.process_site                    RCSB 
_pdbx_database_status.status_code_sf                  REL 
_pdbx_database_status.SG_entry                        . 
_pdbx_database_status.pdb_format_compatible           Y 
_pdbx_database_status.status_code_mr                  ? 
_pdbx_database_status.status_code_cs                  ? 
_pdbx_database_status.status_code_nmr_data            ? 
_pdbx_database_status.methods_development_category    ? 
# 
loop_
_audit_author.name 
_audit_author.pdbx_ordinal 
'Egli, M.'      1  
'Minasov, G.'   2  
'Tereshko, V.'  3  
'Pallan, P.S.'  4  
'Teplova, M.'   5  
'Inamati, G.B.' 6  
'Lesnik, E.A.'  7  
'Owens, S.R.'   8  
'Ross, B.S.'    9  
'Prakash, T.P.' 10 
'Manoharan, M.' 11 
# 
_citation.id                        primary 
_citation.title                     
;Probing the Influence of Stereoelectronic Effects on the Biophysical Properties of Oligonucleotides: Comprehensive Analysis of the RNA Affinity, Nuclease Resistance, and Crystal Structure of Ten 2'-O-Ribonucleic Acid Modifications.
;
_citation.journal_abbrev            Biochemistry 
_citation.journal_volume            44 
_citation.page_first                9045 
_citation.page_last                 9057 
_citation.year                      2005 
_citation.journal_id_ASTM           BICHAW 
_citation.country                   US 
_citation.journal_id_ISSN           0006-2960 
_citation.journal_id_CSD            0033 
_citation.book_publisher            ? 
_citation.pdbx_database_id_PubMed   15966728 
_citation.pdbx_database_id_DOI      10.1021/bi050574m 
# 
loop_
_citation_author.citation_id 
_citation_author.name 
_citation_author.ordinal 
_citation_author.identifier_ORCID 
primary 'Egli, M.'      1  ? 
primary 'Minasov, G.'   2  ? 
primary 'Tereshko, V.'  3  ? 
primary 'Pallan, P.S.'  4  ? 
primary 'Teplova, M.'   5  ? 
primary 'Inamati, G.B.' 6  ? 
primary 'Lesnik, E.A.'  7  ? 
primary 'Owens, S.R.'   8  ? 
primary 'Ross, B.S.'    9  ? 
primary 'Prakash, T.P.' 10 ? 
primary 'Manoharan, M.' 11 ? 
# 
_cell.entry_id           1Y8L 
_cell.length_a           24.636 
_cell.length_b           45.020 
_cell.length_c           45.132 
_cell.angle_alpha        90.00 
_cell.angle_beta         90.00 
_cell.angle_gamma        90.00 
_cell.Z_PDB              8 
_cell.pdbx_unique_axis   ? 
# 
_symmetry.entry_id                         1Y8L 
_symmetry.space_group_name_H-M             'P 21 21 21' 
_symmetry.pdbx_full_space_group_name_H-M   ? 
_symmetry.cell_setting                     ? 
_symmetry.Int_Tables_number                19 
_symmetry.space_group_name_Hall            ? 
# 
loop_
_entity.id 
_entity.type 
_entity.src_method 
_entity.pdbx_description 
_entity.formula_weight 
_entity.pdbx_number_of_molecules 
_entity.pdbx_ec 
_entity.pdbx_mutation 
_entity.pdbx_fragment 
_entity.details 
1 polymer     syn "5'-D(*GP*CP*GP*TP*AP*(TFE)P*AP*CP*GP*C)-3')" 3143.029 2   ? ? ? ? 
2 non-polymer syn 'MAGNESIUM ION'                               24.305   1   ? ? ? ? 
3 non-polymer syn SPERMINE                                      202.340  1   ? ? ? ? 
4 water       nat water                                         18.015   111 ? ? ? ? 
# 
_entity_poly.entity_id                      1 
_entity_poly.type                           polydeoxyribonucleotide 
_entity_poly.nstd_linkage                   no 
_entity_poly.nstd_monomer                   yes 
_entity_poly.pdbx_seq_one_letter_code       '(DG)(DC)(DG)(DT)(DA)(TFE)(DA)(DC)(DG)(DC)' 
_entity_poly.pdbx_seq_one_letter_code_can   GCGTATACGC 
_entity_poly.pdbx_strand_id                 A,B 
_entity_poly.pdbx_target_identifier         ? 
# 
loop_
_entity_poly_seq.entity_id 
_entity_poly_seq.num 
_entity_poly_seq.mon_id 
_entity_poly_seq.hetero 
1 1  DG  n 
1 2  DC  n 
1 3  DG  n 
1 4  DT  n 
1 5  DA  n 
1 6  TFE n 
1 7  DA  n 
1 8  DC  n 
1 9  DG  n 
1 10 DC  n 
# 
_struct_ref.id                         1 
_struct_ref.entity_id                  1 
_struct_ref.db_name                    PDB 
_struct_ref.db_code                    1Y8L 
_struct_ref.pdbx_db_accession          1Y8L 
_struct_ref.pdbx_db_isoform            ? 
_struct_ref.pdbx_seq_one_letter_code   ? 
_struct_ref.pdbx_align_begin           ? 
# 
loop_
_struct_ref_seq.align_id 
_struct_ref_seq.ref_id 
_struct_ref_seq.pdbx_PDB_id_code 
_struct_ref_seq.pdbx_strand_id 
_struct_ref_seq.seq_align_beg 
_struct_ref_seq.pdbx_seq_align_beg_ins_code 
_struct_ref_seq.seq_align_end 
_struct_ref_seq.pdbx_seq_align_end_ins_code 
_struct_ref_seq.pdbx_db_accession 
_struct_ref_seq.db_align_beg 
_struct_ref_seq.pdbx_db_align_beg_ins_code 
_struct_ref_seq.db_align_end 
_struct_ref_seq.pdbx_db_align_end_ins_code 
_struct_ref_seq.pdbx_auth_seq_align_beg 
_struct_ref_seq.pdbx_auth_seq_align_end 
1 1 1Y8L A 1 ? 10 ? 1Y8L 1  ? 10 ? 1  10 
2 1 1Y8L B 1 ? 10 ? 1Y8L 11 ? 20 ? 11 20 
# 
loop_
_chem_comp.id 
_chem_comp.type 
_chem_comp.mon_nstd_flag 
_chem_comp.name 
_chem_comp.pdbx_synonyms 
_chem_comp.formula 
_chem_comp.formula_weight 
DA  'DNA linking' y "2'-DEOXYADENOSINE-5'-MONOPHOSPHATE"                   ? 'C10 H14 N5 O6 P'    331.222 
DC  'DNA linking' y "2'-DEOXYCYTIDINE-5'-MONOPHOSPHATE"                    ? 'C9 H14 N3 O7 P'     307.197 
DG  'DNA linking' y "2'-DEOXYGUANOSINE-5'-MONOPHOSPHATE"                   ? 'C10 H14 N5 O7 P'    347.221 
DT  'DNA linking' y "THYMIDINE-5'-MONOPHOSPHATE"                           ? 'C10 H15 N2 O8 P'    322.208 
HOH non-polymer   . WATER                                                  ? 'H2 O'               18.015  
MG  non-polymer   . 'MAGNESIUM ION'                                        ? 'Mg 2'               24.305  
SPM non-polymer   . SPERMINE                                               ? 'C10 H26 N4'         202.340 
TFE 'RNA linking' n 
;2'-O-[2-(TRIFLUORO)ETHYL] THYMIDINE-5'-MONOPHOSPHATE
;
? 'C12 H16 F3 N2 O9 P' 420.232 
# 
_exptl.entry_id          1Y8L 
_exptl.method            'X-RAY DIFFRACTION' 
_exptl.crystals_number   1 
# 
_exptl_crystal.id                    1 
_exptl_crystal.density_meas          ? 
_exptl_crystal.density_Matthews      1.99 
_exptl_crystal.density_percent_sol   38.21 
_exptl_crystal.description           ? 
_exptl_crystal.F_000                 ? 
_exptl_crystal.preparation           ? 
# 
_exptl_crystal_grow.crystal_id      1 
_exptl_crystal_grow.method          'VAPOR DIFFUSION, HANGING DROP' 
_exptl_crystal_grow.temp            295 
_exptl_crystal_grow.temp_details    ? 
_exptl_crystal_grow.pH              6.0 
_exptl_crystal_grow.pdbx_details    
;10%MPD, 40mM Na-Cacodilate, 12 mM Spermine, 80mM NaCL, 12mM KCL, 20mM MgCL2, pH 6.0, VAPOR DIFFUSION, HANGING DROP, temperature 295K
;
_exptl_crystal_grow.pdbx_pH_range   . 
# 
loop_
_exptl_crystal_grow_comp.crystal_id 
_exptl_crystal_grow_comp.id 
_exptl_crystal_grow_comp.sol_id 
_exptl_crystal_grow_comp.name 
_exptl_crystal_grow_comp.volume 
_exptl_crystal_grow_comp.conc 
_exptl_crystal_grow_comp.details 
1 1  1 MPD           ? ? ? 
1 2  1 Na-Cacodilate ? ? ? 
1 3  1 Spermine      ? ? ? 
1 4  1 NaCL          ? ? ? 
1 5  1 KCL           ? ? ? 
1 6  1 MgCL2         ? ? ? 
1 7  1 H2O           ? ? ? 
1 8  2 MPD           ? ? ? 
1 9  2 Na-Cacodilate ? ? ? 
1 10 2 NaCl          ? ? ? 
1 11 2 KCl           ? ? ? 
1 12 2 MgCl2         ? ? ? 
# 
_diffrn.id                     1 
_diffrn.ambient_temp           110 
_diffrn.ambient_temp_details   ? 
_diffrn.crystal_id             1 
# 
_diffrn_detector.diffrn_id              1 
_diffrn_detector.detector               'IMAGE PLATE' 
_diffrn_detector.type                   'RIGAKU RAXIS IIC' 
_diffrn_detector.pdbx_collection_date   1998-07-07 
_diffrn_detector.details                Mirrors 
# 
_diffrn_radiation.diffrn_id                        1 
_diffrn_radiation.wavelength_id                    1 
_diffrn_radiation.pdbx_monochromatic_or_laue_m_l   M 
_diffrn_radiation.monochromator                    No 
_diffrn_radiation.pdbx_diffrn_protocol             'SINGLE WAVELENGTH' 
_diffrn_radiation.pdbx_scattering_type             x-ray 
# 
_diffrn_radiation_wavelength.id           1 
_diffrn_radiation_wavelength.wavelength   1.5418 
_diffrn_radiation_wavelength.wt           1.0 
# 
_diffrn_source.diffrn_id                   1 
_diffrn_source.source                      'ROTATING ANODE' 
_diffrn_source.type                        'RIGAKU RU200' 
_diffrn_source.pdbx_synchrotron_site       ? 
_diffrn_source.pdbx_synchrotron_beamline   ? 
_diffrn_source.pdbx_wavelength             1.5418 
_diffrn_source.pdbx_wavelength_list        ? 
# 
_reflns.entry_id                     1Y8L 
_reflns.observed_criterion_sigma_F   ? 
_reflns.observed_criterion_sigma_I   -3.0 
_reflns.d_resolution_high            1.50 
_reflns.d_resolution_low             35.0 
_reflns.number_all                   7868 
_reflns.number_obs                   7868 
_reflns.percent_possible_obs         91.8 
_reflns.pdbx_Rmerge_I_obs            0.07 
_reflns.pdbx_Rsym_value              ? 
_reflns.pdbx_netI_over_sigmaI        26.2 
_reflns.B_iso_Wilson_estimate        ? 
_reflns.pdbx_redundancy              6.0 
_reflns.R_free_details               ? 
_reflns.pdbx_chi_squared             ? 
_reflns.pdbx_scaling_rejects         ? 
_reflns.pdbx_diffrn_id               1 
_reflns.pdbx_ordinal                 1 
# 
_reflns_shell.d_res_high             1.50 
_reflns_shell.d_res_low              1.55 
_reflns_shell.percent_possible_all   75.6 
_reflns_shell.Rmerge_I_obs           0.261 
_reflns_shell.pdbx_Rsym_value        ? 
_reflns_shell.meanI_over_sigI_obs    3.4 
_reflns_shell.pdbx_redundancy        2.5 
_reflns_shell.percent_possible_obs   ? 
_reflns_shell.number_unique_all      652 
_reflns_shell.number_measured_all    ? 
_reflns_shell.number_measured_obs    ? 
_reflns_shell.number_unique_obs      ? 
_reflns_shell.pdbx_chi_squared       ? 
_reflns_shell.pdbx_diffrn_id         ? 
_reflns_shell.pdbx_ordinal           1 
# 
_refine.entry_id                                 1Y8L 
_refine.ls_d_res_high                            1.50 
_refine.ls_d_res_low                             20.0 
_refine.pdbx_ls_sigma_F                          0.0 
_refine.pdbx_ls_sigma_I                          0.0 
_refine.ls_number_reflns_all                     7593 
_refine.ls_number_reflns_obs                     7593 
_refine.ls_number_reflns_R_free                  817 
_refine.ls_percent_reflns_obs                    89.4 
_refine.ls_R_factor_all                          ? 
_refine.ls_R_factor_obs                          ? 
_refine.ls_R_factor_R_work                       0.1709 
_refine.ls_R_factor_R_free                       0.2021 
_refine.ls_redundancy_reflns_obs                 ? 
_refine.pdbx_data_cutoff_high_absF               ? 
_refine.pdbx_data_cutoff_low_absF                ? 
_refine.ls_number_parameters                     ? 
_refine.ls_number_restraints                     ? 
_refine.ls_percent_reflns_R_free                 ? 
_refine.ls_R_factor_R_free_error                 ? 
_refine.ls_R_factor_R_free_error_details         ? 
_refine.pdbx_method_to_determine_struct          'MOLECULAR REPLACEMENT' 
_refine.pdbx_starting_model                      'pdb entry 410D' 
_refine.pdbx_ls_cross_valid_method               THROUGHOUT 
_refine.pdbx_R_Free_selection_details            Random 
_refine.pdbx_stereochem_target_val_spec_case     ? 
_refine.pdbx_stereochemistry_target_values       ? 
_refine.solvent_model_details                    ? 
_refine.solvent_model_param_bsol                 ? 
_refine.solvent_model_param_ksol                 ? 
_refine.occupancy_max                            ? 
_refine.occupancy_min                            ? 
_refine.pdbx_isotropic_thermal_model             Isotropic 
_refine.B_iso_mean                               18.7 
_refine.aniso_B[1][1]                            3.249 
_refine.aniso_B[1][2]                            0.000 
_refine.aniso_B[1][3]                            0.000 
_refine.aniso_B[2][2]                            1.506 
_refine.aniso_B[2][3]                            0.000 
_refine.aniso_B[3][3]                            -4.754 
_refine.details                                  'Conjugate gradient refinement using maximum likelihood target for amplitudes' 
_refine.correlation_coeff_Fo_to_Fc               ? 
_refine.correlation_coeff_Fo_to_Fc_free          ? 
_refine.pdbx_solvent_vdw_probe_radii             ? 
_refine.pdbx_solvent_ion_probe_radii             ? 
_refine.pdbx_solvent_shrinkage_radii             ? 
_refine.overall_SU_R_Cruickshank_DPI             ? 
_refine.overall_SU_R_free                        ? 
_refine.overall_SU_B                             ? 
_refine.overall_SU_ML                            ? 
_refine.pdbx_overall_ESU_R                       ? 
_refine.pdbx_overall_ESU_R_Free                  ? 
_refine.pdbx_data_cutoff_high_rms_absF           ? 
_refine.ls_wR_factor_R_free                      ? 
_refine.ls_wR_factor_R_work                      ? 
_refine.overall_FOM_free_R_set                   ? 
_refine.overall_FOM_work_R_set                   ? 
_refine.pdbx_refine_id                           'X-RAY DIFFRACTION' 
_refine.pdbx_diffrn_id                           1 
_refine.pdbx_TLS_residual_ADP_flag               ? 
_refine.pdbx_overall_phase_error                 ? 
_refine.pdbx_overall_SU_R_free_Cruickshank_DPI   ? 
_refine.pdbx_overall_SU_R_Blow_DPI               ? 
_refine.pdbx_overall_SU_R_free_Blow_DPI          ? 
# 
_refine_hist.pdbx_refine_id                   'X-RAY DIFFRACTION' 
_refine_hist.cycle_id                         LAST 
_refine_hist.pdbx_number_atoms_protein        0 
_refine_hist.pdbx_number_atoms_nucleic_acid   416 
_refine_hist.pdbx_number_atoms_ligand         15 
_refine_hist.number_atoms_solvent             114 
_refine_hist.number_atoms_total               545 
_refine_hist.d_res_high                       1.50 
_refine_hist.d_res_low                        20.0 
# 
loop_
_refine_ls_restr.type 
_refine_ls_restr.dev_ideal 
_refine_ls_restr.dev_ideal_target 
_refine_ls_restr.weight 
_refine_ls_restr.number 
_refine_ls_restr.pdbx_refine_id 
_refine_ls_restr.pdbx_restraint_function 
c_bond_d    0.009 ? ? ? 'X-RAY DIFFRACTION' ? 
c_angle_deg 1.31  ? ? ? 'X-RAY DIFFRACTION' ? 
# 
_refine_ls_shell.pdbx_total_number_of_bins_used   ? 
_refine_ls_shell.d_res_high                       1.50 
_refine_ls_shell.d_res_low                        1.53 
_refine_ls_shell.number_reflns_R_work             ? 
_refine_ls_shell.R_factor_R_work                  0.03 
_refine_ls_shell.percent_reflns_obs               68.08 
_refine_ls_shell.R_factor_R_free                  0.3269 
_refine_ls_shell.R_factor_R_free_error            ? 
_refine_ls_shell.percent_reflns_R_free            ? 
_refine_ls_shell.number_reflns_R_free             34 
_refine_ls_shell.redundancy_reflns_obs            ? 
_refine_ls_shell.pdbx_refine_id                   'X-RAY DIFFRACTION' 
_refine_ls_shell.number_reflns_all                ? 
_refine_ls_shell.R_factor_all                     ? 
# 
_struct.entry_id                  1Y8L 
_struct.title                     
;Crystal structure of the A-DNA GCGTAT*CGC with a 2'-O-[2-(trifluoro)ethyl] Thymidine (T*)
;
_struct.pdbx_model_details        ? 
_struct.pdbx_CASP_flag            ? 
_struct.pdbx_model_type_details   ? 
# 
_struct_keywords.entry_id        1Y8L 
_struct_keywords.pdbx_keywords   DNA 
_struct_keywords.text            
;A-DNA, O2'-modification, decamer, DNA
;
# 
loop_
_struct_asym.id 
_struct_asym.pdbx_blank_PDB_chainid_flag 
_struct_asym.pdbx_modified 
_struct_asym.entity_id 
_struct_asym.details 
A N N 1 ? 
B N N 1 ? 
C N N 2 ? 
D N N 3 ? 
E N N 4 ? 
F N N 4 ? 
# 
_struct_biol.id                    1 
_struct_biol.details               'Chains A and B form duplex' 
_struct_biol.pdbx_parent_biol_id   ? 
# 
loop_
_struct_conn.id 
_struct_conn.conn_type_id 
_struct_conn.pdbx_leaving_atom_flag 
_struct_conn.pdbx_PDB_id 
_struct_conn.ptnr1_label_asym_id 
_struct_conn.ptnr1_label_comp_id 
_struct_conn.ptnr1_label_seq_id 
_struct_conn.ptnr1_label_atom_id 
_struct_conn.pdbx_ptnr1_label_alt_id 
_struct_conn.pdbx_ptnr1_PDB_ins_code 
_struct_conn.pdbx_ptnr1_standard_comp_id 
_struct_conn.ptnr1_symmetry 
_struct_conn.ptnr2_label_asym_id 
_struct_conn.ptnr2_label_comp_id 
_struct_conn.ptnr2_label_seq_id 
_struct_conn.ptnr2_label_atom_id 
_struct_conn.pdbx_ptnr2_label_alt_id 
_struct_conn.pdbx_ptnr2_PDB_ins_code 
_struct_conn.ptnr1_auth_asym_id 
_struct_conn.ptnr1_auth_comp_id 
_struct_conn.ptnr1_auth_seq_id 
_struct_conn.ptnr2_auth_asym_id 
_struct_conn.ptnr2_auth_comp_id 
_struct_conn.ptnr2_auth_seq_id 
_struct_conn.ptnr2_symmetry 
_struct_conn.pdbx_ptnr3_label_atom_id 
_struct_conn.pdbx_ptnr3_label_seq_id 
_struct_conn.pdbx_ptnr3_label_comp_id 
_struct_conn.pdbx_ptnr3_label_asym_id 
_struct_conn.pdbx_ptnr3_label_alt_id 
_struct_conn.pdbx_ptnr3_PDB_ins_code 
_struct_conn.details 
_struct_conn.pdbx_dist_value 
_struct_conn.pdbx_value_order 
_struct_conn.pdbx_role 
covale1  covale both ? A DA  5  "O3'" ? ? ? 1_555 A TFE 6  P  ? ? A DA  5   A TFE 6   1_555 ? ? ? ? ? ? ?            1.600 ? ? 
covale2  covale both ? A TFE 6  "O3'" ? ? ? 1_555 A DA  7  P  ? ? A TFE 6   A DA  7   1_555 ? ? ? ? ? ? ?            1.602 ? ? 
covale3  covale both ? B DA  5  "O3'" ? ? ? 1_555 B TFE 6  P  ? ? B DA  15  B TFE 16  1_555 ? ? ? ? ? ? ?            1.604 ? ? 
covale4  covale both ? B TFE 6  "O3'" ? ? ? 1_555 B DA  7  P  ? ? B TFE 16  B DA  17  1_555 ? ? ? ? ? ? ?            1.598 ? ? 
metalc1  metalc ?    ? C MG  .  MG    ? ? ? 1_555 E HOH .  O  ? ? A MG  101 A HOH 102 1_555 ? ? ? ? ? ? ?            2.046 ? ? 
metalc2  metalc ?    ? C MG  .  MG    ? ? ? 1_555 E HOH .  O  ? ? A MG  101 A HOH 103 1_555 ? ? ? ? ? ? ?            2.280 ? ? 
metalc3  metalc ?    ? C MG  .  MG    ? ? ? 1_555 E HOH .  O  ? ? A MG  101 A HOH 104 1_555 ? ? ? ? ? ? ?            1.925 ? ? 
metalc4  metalc ?    ? C MG  .  MG    ? ? ? 1_555 E HOH .  O  ? ? A MG  101 A HOH 106 1_555 ? ? ? ? ? ? ?            2.101 ? ? 
metalc5  metalc ?    ? C MG  .  MG    ? ? ? 1_555 E HOH .  O  A ? A MG  101 A HOH 107 1_555 ? ? ? ? ? ? ?            1.990 ? ? 
metalc6  metalc ?    ? C MG  .  MG    ? ? ? 1_555 F HOH .  O  B ? A MG  101 B HOH 105 1_555 ? ? ? ? ? ? ?            2.223 ? ? 
hydrog1  hydrog ?    ? A DG  1  N1    ? ? ? 1_555 B DC  10 N3 ? ? A DG  1   B DC  20  1_555 ? ? ? ? ? ? WATSON-CRICK ?     ? ? 
hydrog2  hydrog ?    ? A DG  1  N2    ? ? ? 1_555 B DC  10 O2 ? ? A DG  1   B DC  20  1_555 ? ? ? ? ? ? WATSON-CRICK ?     ? ? 
hydrog3  hydrog ?    ? A DG  1  O6    ? ? ? 1_555 B DC  10 N4 ? ? A DG  1   B DC  20  1_555 ? ? ? ? ? ? WATSON-CRICK ?     ? ? 
hydrog4  hydrog ?    ? A DC  2  N3    ? ? ? 1_555 B DG  9  N1 ? ? A DC  2   B DG  19  1_555 ? ? ? ? ? ? WATSON-CRICK ?     ? ? 
hydrog5  hydrog ?    ? A DC  2  N4    ? ? ? 1_555 B DG  9  O6 ? ? A DC  2   B DG  19  1_555 ? ? ? ? ? ? WATSON-CRICK ?     ? ? 
hydrog6  hydrog ?    ? A DC  2  O2    ? ? ? 1_555 B DG  9  N2 ? ? A DC  2   B DG  19  1_555 ? ? ? ? ? ? WATSON-CRICK ?     ? ? 
hydrog7  hydrog ?    ? A DG  3  N1    ? ? ? 1_555 B DC  8  N3 ? ? A DG  3   B DC  18  1_555 ? ? ? ? ? ? WATSON-CRICK ?     ? ? 
hydrog8  hydrog ?    ? A DG  3  N2    ? ? ? 1_555 B DC  8  O2 ? ? A DG  3   B DC  18  1_555 ? ? ? ? ? ? WATSON-CRICK ?     ? ? 
hydrog9  hydrog ?    ? A DG  3  O6    ? ? ? 1_555 B DC  8  N4 ? ? A DG  3   B DC  18  1_555 ? ? ? ? ? ? WATSON-CRICK ?     ? ? 
hydrog10 hydrog ?    ? A DT  4  N3    ? ? ? 1_555 B DA  7  N1 ? ? A DT  4   B DA  17  1_555 ? ? ? ? ? ? WATSON-CRICK ?     ? ? 
hydrog11 hydrog ?    ? A DT  4  O4    ? ? ? 1_555 B DA  7  N6 ? ? A DT  4   B DA  17  1_555 ? ? ? ? ? ? WATSON-CRICK ?     ? ? 
hydrog12 hydrog ?    ? A DA  5  N1    ? ? ? 1_555 B TFE 6  N3 ? ? A DA  5   B TFE 16  1_555 ? ? ? ? ? ? WATSON-CRICK ?     ? ? 
hydrog13 hydrog ?    ? A DA  5  N6    ? ? ? 1_555 B TFE 6  O4 ? ? A DA  5   B TFE 16  1_555 ? ? ? ? ? ? WATSON-CRICK ?     ? ? 
hydrog14 hydrog ?    ? A TFE 6  N3    ? ? ? 1_555 B DA  5  N1 ? ? A TFE 6   B DA  15  1_555 ? ? ? ? ? ? WATSON-CRICK ?     ? ? 
hydrog15 hydrog ?    ? A TFE 6  O4    ? ? ? 1_555 B DA  5  N6 ? ? A TFE 6   B DA  15  1_555 ? ? ? ? ? ? WATSON-CRICK ?     ? ? 
hydrog16 hydrog ?    ? A DA  7  N1    ? ? ? 1_555 B DT  4  N3 ? ? A DA  7   B DT  14  1_555 ? ? ? ? ? ? WATSON-CRICK ?     ? ? 
hydrog17 hydrog ?    ? A DA  7  N6    ? ? ? 1_555 B DT  4  O4 ? ? A DA  7   B DT  14  1_555 ? ? ? ? ? ? WATSON-CRICK ?     ? ? 
hydrog18 hydrog ?    ? A DC  8  N3    ? ? ? 1_555 B DG  3  N1 ? ? A DC  8   B DG  13  1_555 ? ? ? ? ? ? WATSON-CRICK ?     ? ? 
hydrog19 hydrog ?    ? A DC  8  N4    ? ? ? 1_555 B DG  3  O6 ? ? A DC  8   B DG  13  1_555 ? ? ? ? ? ? WATSON-CRICK ?     ? ? 
hydrog20 hydrog ?    ? A DC  8  O2    ? ? ? 1_555 B DG  3  N2 ? ? A DC  8   B DG  13  1_555 ? ? ? ? ? ? WATSON-CRICK ?     ? ? 
hydrog21 hydrog ?    ? A DG  9  N1    ? ? ? 1_555 B DC  2  N3 ? ? A DG  9   B DC  12  1_555 ? ? ? ? ? ? WATSON-CRICK ?     ? ? 
hydrog22 hydrog ?    ? A DG  9  N2    ? ? ? 1_555 B DC  2  O2 ? ? A DG  9   B DC  12  1_555 ? ? ? ? ? ? WATSON-CRICK ?     ? ? 
hydrog23 hydrog ?    ? A DG  9  O6    ? ? ? 1_555 B DC  2  N4 ? ? A DG  9   B DC  12  1_555 ? ? ? ? ? ? WATSON-CRICK ?     ? ? 
hydrog24 hydrog ?    ? A DC  10 N3    ? ? ? 1_555 B DG  1  N1 ? ? A DC  10  B DG  11  1_555 ? ? ? ? ? ? WATSON-CRICK ?     ? ? 
hydrog25 hydrog ?    ? A DC  10 N4    ? ? ? 1_555 B DG  1  O6 ? ? A DC  10  B DG  11  1_555 ? ? ? ? ? ? WATSON-CRICK ?     ? ? 
hydrog26 hydrog ?    ? A DC  10 O2    ? ? ? 1_555 B DG  1  N2 ? ? A DC  10  B DG  11  1_555 ? ? ? ? ? ? WATSON-CRICK ?     ? ? 
# 
loop_
_struct_conn_type.id 
_struct_conn_type.criteria 
_struct_conn_type.reference 
covale ? ? 
metalc ? ? 
hydrog ? ? 
# 
loop_
_struct_site.id 
_struct_site.pdbx_evidence_code 
_struct_site.pdbx_auth_asym_id 
_struct_site.pdbx_auth_comp_id 
_struct_site.pdbx_auth_seq_id 
_struct_site.pdbx_auth_ins_code 
_struct_site.pdbx_num_residues 
_struct_site.details 
AC1 Software B SPM 100 ? 11 'BINDING SITE FOR RESIDUE SPM B 100' 
AC2 Software A MG  101 ? 6  'BINDING SITE FOR RESIDUE MG A 101'  
# 
loop_
_struct_site_gen.id 
_struct_site_gen.site_id 
_struct_site_gen.pdbx_num_res 
_struct_site_gen.label_comp_id 
_struct_site_gen.label_asym_id 
_struct_site_gen.label_seq_id 
_struct_site_gen.pdbx_auth_ins_code 
_struct_site_gen.auth_comp_id 
_struct_site_gen.auth_asym_id 
_struct_site_gen.auth_seq_id 
_struct_site_gen.label_atom_id 
_struct_site_gen.label_alt_id 
_struct_site_gen.symmetry 
_struct_site_gen.details 
1  AC1 11 DG  A 9 ? DG  A 9   . ? 4_545 ? 
2  AC1 11 HOH E . ? HOH A 126 . ? 3_545 ? 
3  AC1 11 HOH E . ? HOH A 146 . ? 3_545 ? 
4  AC1 11 HOH E . ? HOH A 178 . ? 4_545 ? 
5  AC1 11 DG  B 3 ? DG  B 13  . ? 1_555 ? 
6  AC1 11 DT  B 4 ? DT  B 14  . ? 1_555 ? 
7  AC1 11 DC  B 8 ? DC  B 18  . ? 3_645 ? 
8  AC1 11 DG  B 9 ? DG  B 19  . ? 3_645 ? 
9  AC1 11 HOH F . ? HOH B 130 . ? 1_555 ? 
10 AC1 11 HOH F . ? HOH B 159 . ? 1_555 ? 
11 AC1 11 HOH F . ? HOH B 184 . ? 3_645 ? 
12 AC2 6  HOH E . ? HOH A 102 . ? 1_555 ? 
13 AC2 6  HOH E . ? HOH A 103 . ? 1_555 ? 
14 AC2 6  HOH E . ? HOH A 104 . ? 1_555 ? 
15 AC2 6  HOH E . ? HOH A 106 . ? 1_555 ? 
16 AC2 6  HOH E . ? HOH A 107 . ? 1_555 ? 
17 AC2 6  HOH F . ? HOH B 105 . ? 1_555 ? 
# 
_atom_sites.entry_id                    1Y8L 
_atom_sites.fract_transf_matrix[1][1]   -0.01411062 
_atom_sites.fract_transf_matrix[1][2]   -0.03770697 
_atom_sites.fract_transf_matrix[1][3]   -0.00516763 
_atom_sites.fract_transf_matrix[2][1]   0.01969384 
_atom_sites.fract_transf_matrix[2][2]   -0.00625281 
_atom_sites.fract_transf_matrix[2][3]   -0.00815033 
_atom_sites.fract_transf_matrix[3][1]   0.00675842 
_atom_sites.fract_transf_matrix[3][2]   -0.00532729 
_atom_sites.fract_transf_matrix[3][3]   0.02041755 
_atom_sites.fract_transf_vector[1]      0.127569 
_atom_sites.fract_transf_vector[2]      -0.013367 
_atom_sites.fract_transf_vector[3]      0.206367 
# 
loop_
_atom_type.symbol 
C  
F  
MG 
N  
O  
P  
# 
loop_
_atom_site.group_PDB 
_atom_site.id 
_atom_site.type_symbol 
_atom_site.label_atom_id 
_atom_site.label_alt_id 
_atom_site.label_comp_id 
_atom_site.label_asym_id 
_atom_site.label_entity_id 
_atom_site.label_seq_id 
_atom_site.pdbx_PDB_ins_code 
_atom_site.Cartn_x 
_atom_site.Cartn_y 
_atom_site.Cartn_z 
_atom_site.occupancy 
_atom_site.B_iso_or_equiv 
_atom_site.pdbx_formal_charge 
_atom_site.auth_seq_id 
_atom_site.auth_comp_id 
_atom_site.auth_asym_id 
_atom_site.auth_atom_id 
_atom_site.pdbx_PDB_model_num 
ATOM   1   O  "O5'" . DG  A 1 1  ? -4.418  -7.387  7.530   1.00 30.17 ? 1   DG  A "O5'" 1 
ATOM   2   C  "C5'" . DG  A 1 1  ? -4.848  -7.172  8.879   1.00 23.07 ? 1   DG  A "C5'" 1 
ATOM   3   C  "C4'" . DG  A 1 1  ? -3.710  -7.395  9.849   1.00 20.27 ? 1   DG  A "C4'" 1 
ATOM   4   O  "O4'" . DG  A 1 1  ? -3.185  -8.728  9.698   1.00 20.04 ? 1   DG  A "O4'" 1 
ATOM   5   C  "C3'" . DG  A 1 1  ? -2.509  -6.476  9.658   1.00 19.37 ? 1   DG  A "C3'" 1 
ATOM   6   O  "O3'" . DG  A 1 1  ? -2.717  -5.266  10.379  1.00 20.74 ? 1   DG  A "O3'" 1 
ATOM   7   C  "C2'" . DG  A 1 1  ? -1.383  -7.289  10.266  1.00 18.88 ? 1   DG  A "C2'" 1 
ATOM   8   C  "C1'" . DG  A 1 1  ? -1.771  -8.720  9.904   1.00 19.03 ? 1   DG  A "C1'" 1 
ATOM   9   N  N9    . DG  A 1 1  ? -1.150  -9.183  8.671   1.00 18.36 ? 1   DG  A N9    1 
ATOM   10  C  C8    . DG  A 1 1  ? -1.794  -9.476  7.493   1.00 19.19 ? 1   DG  A C8    1 
ATOM   11  N  N7    . DG  A 1 1  ? -0.985  -9.863  6.548   1.00 19.82 ? 1   DG  A N7    1 
ATOM   12  C  C5    . DG  A 1 1  ? 0.275   -9.831  7.138   1.00 17.51 ? 1   DG  A C5    1 
ATOM   13  C  C6    . DG  A 1 1  ? 1.557   -10.153 6.608   1.00 17.43 ? 1   DG  A C6    1 
ATOM   14  O  O6    . DG  A 1 1  ? 1.853   -10.550 5.478   1.00 17.46 ? 1   DG  A O6    1 
ATOM   15  N  N1    . DG  A 1 1  ? 2.559   -9.971  7.555   1.00 16.80 ? 1   DG  A N1    1 
ATOM   16  C  C2    . DG  A 1 1  ? 2.366   -9.556  8.832   1.00 13.16 ? 1   DG  A C2    1 
ATOM   17  N  N2    . DG  A 1 1  ? 3.457   -9.452  9.581   1.00 14.49 ? 1   DG  A N2    1 
ATOM   18  N  N3    . DG  A 1 1  ? 1.175   -9.255  9.345   1.00 17.40 ? 1   DG  A N3    1 
ATOM   19  C  C4    . DG  A 1 1  ? 0.187   -9.413  8.448   1.00 16.62 ? 1   DG  A C4    1 
ATOM   20  P  P     . DC  A 1 2  ? -2.134  -3.888  9.804   1.00 22.52 ? 2   DC  A P     1 
ATOM   21  O  OP1   . DC  A 1 2  ? -2.724  -2.803  10.645  1.00 22.37 ? 2   DC  A OP1   1 
ATOM   22  O  OP2   . DC  A 1 2  ? -2.335  -3.892  8.348   1.00 16.93 ? 2   DC  A OP2   1 
ATOM   23  O  "O5'" . DC  A 1 2  ? -0.568  -3.975  10.074  1.00 19.38 ? 2   DC  A "O5'" 1 
ATOM   24  C  "C5'" . DC  A 1 2  ? -0.031  -4.094  11.398  1.00 19.22 ? 2   DC  A "C5'" 1 
ATOM   25  C  "C4'" . DC  A 1 2  ? 1.445   -4.396  11.299  1.00 17.28 ? 2   DC  A "C4'" 1 
ATOM   26  O  "O4'" . DC  A 1 2  ? 1.603   -5.654  10.616  1.00 18.28 ? 2   DC  A "O4'" 1 
ATOM   27  C  "C3'" . DC  A 1 2  ? 2.229   -3.404  10.439  1.00 18.81 ? 2   DC  A "C3'" 1 
ATOM   28  O  "O3'" . DC  A 1 2  ? 2.688   -2.294  11.220  1.00 18.75 ? 2   DC  A "O3'" 1 
ATOM   29  C  "C2'" . DC  A 1 2  ? 3.389   -4.240  9.927   1.00 17.93 ? 2   DC  A "C2'" 1 
ATOM   30  C  "C1'" . DC  A 1 2  ? 2.772   -5.626  9.800   1.00 18.69 ? 2   DC  A "C1'" 1 
ATOM   31  N  N1    . DC  A 1 2  ? 2.384   -5.992  8.437   1.00 14.57 ? 2   DC  A N1    1 
ATOM   32  C  C2    . DC  A 1 2  ? 3.357   -6.569  7.609   1.00 16.69 ? 2   DC  A C2    1 
ATOM   33  O  O2    . DC  A 1 2  ? 4.511   -6.677  8.046   1.00 15.07 ? 2   DC  A O2    1 
ATOM   34  N  N3    . DC  A 1 2  ? 3.022   -6.971  6.363   1.00 14.22 ? 2   DC  A N3    1 
ATOM   35  C  C4    . DC  A 1 2  ? 1.779   -6.788  5.923   1.00 18.86 ? 2   DC  A C4    1 
ATOM   36  N  N4    . DC  A 1 2  ? 1.495   -7.218  4.691   1.00 14.59 ? 2   DC  A N4    1 
ATOM   37  C  C5    . DC  A 1 2  ? 0.773   -6.161  6.729   1.00 14.53 ? 2   DC  A C5    1 
ATOM   38  C  C6    . DC  A 1 2  ? 1.119   -5.787  7.971   1.00 19.66 ? 2   DC  A C6    1 
ATOM   39  P  P     . DG  A 1 3  ? 3.226   -0.974  10.470  1.00 20.06 ? 3   DG  A P     1 
ATOM   40  O  OP1   . DG  A 1 3  ? 3.590   -0.008  11.556  1.00 22.72 ? 3   DG  A OP1   1 
ATOM   41  O  OP2   . DG  A 1 3  ? 2.299   -0.553  9.402   1.00 20.66 ? 3   DG  A OP2   1 
ATOM   42  O  "O5'" . DG  A 1 3  ? 4.544   -1.522  9.748   1.00 17.24 ? 3   DG  A "O5'" 1 
ATOM   43  C  "C5'" . DG  A 1 3  ? 4.958   -1.004  8.473   1.00 13.82 ? 3   DG  A "C5'" 1 
ATOM   44  C  "C4'" . DG  A 1 3  ? 6.104   -1.821  7.925   1.00 12.37 ? 3   DG  A "C4'" 1 
ATOM   45  O  "O4'" . DG  A 1 3  ? 5.669   -3.149  7.567   1.00 12.03 ? 3   DG  A "O4'" 1 
ATOM   46  C  "C3'" . DG  A 1 3  ? 6.727   -1.259  6.654   1.00 13.70 ? 3   DG  A "C3'" 1 
ATOM   47  O  "O3'" . DG  A 1 3  ? 7.749   -0.330  6.993   1.00 14.94 ? 3   DG  A "O3'" 1 
ATOM   48  C  "C2'" . DG  A 1 3  ? 7.324   -2.493  6.011   1.00 15.08 ? 3   DG  A "C2'" 1 
ATOM   49  C  "C1'" . DG  A 1 3  ? 6.351   -3.586  6.421   1.00 11.26 ? 3   DG  A "C1'" 1 
ATOM   50  N  N9    . DG  A 1 3  ? 5.348   -3.874  5.395   1.00 11.56 ? 3   DG  A N9    1 
ATOM   51  C  C8    . DG  A 1 3  ? 3.992   -3.730  5.496   1.00 10.33 ? 3   DG  A C8    1 
ATOM   52  N  N7    . DG  A 1 3  ? 3.351   -4.166  4.440   1.00 10.50 ? 3   DG  A N7    1 
ATOM   53  C  C5    . DG  A 1 3  ? 4.357   -4.590  3.594   1.00 11.48 ? 3   DG  A C5    1 
ATOM   54  C  C6    . DG  A 1 3  ? 4.291   -5.168  2.310   1.00 10.63 ? 3   DG  A C6    1 
ATOM   55  O  O6    . DG  A 1 3  ? 3.276   -5.465  1.638   1.00 14.29 ? 3   DG  A O6    1 
ATOM   56  N  N1    . DG  A 1 3  ? 5.550   -5.417  1.803   1.00 9.16  ? 3   DG  A N1    1 
ATOM   57  C  C2    . DG  A 1 3  ? 6.729   -5.148  2.441   1.00 8.35  ? 3   DG  A C2    1 
ATOM   58  N  N2    . DG  A 1 3  ? 7.848   -5.419  1.758   1.00 9.86  ? 3   DG  A N2    1 
ATOM   59  N  N3    . DG  A 1 3  ? 6.807   -4.645  3.656   1.00 11.98 ? 3   DG  A N3    1 
ATOM   60  C  C4    . DG  A 1 3  ? 5.594   -4.391  4.166   1.00 10.83 ? 3   DG  A C4    1 
ATOM   61  P  P     . DT  A 1 4  ? 8.105   0.848   5.974   1.00 13.71 ? 4   DT  A P     1 
ATOM   62  O  OP1   . DT  A 1 4  ? 9.111   1.723   6.667   1.00 14.11 ? 4   DT  A OP1   1 
ATOM   63  O  OP2   . DT  A 1 4  ? 6.905   1.466   5.373   1.00 15.50 ? 4   DT  A OP2   1 
ATOM   64  O  "O5'" . DT  A 1 4  ? 8.835   0.061   4.794   1.00 13.56 ? 4   DT  A "O5'" 1 
ATOM   65  C  "C5'" . DT  A 1 4  ? 10.235  -0.244  4.849   1.00 14.62 ? 4   DT  A "C5'" 1 
ATOM   66  C  "C4'" . DT  A 1 4  ? 10.726  -0.622  3.473   1.00 11.46 ? 4   DT  A "C4'" 1 
ATOM   67  O  "O4'" . DT  A 1 4  ? 10.060  -1.836  3.026   1.00 12.59 ? 4   DT  A "O4'" 1 
ATOM   68  C  "C3'" . DT  A 1 4  ? 10.418  0.402   2.398   1.00 13.95 ? 4   DT  A "C3'" 1 
ATOM   69  O  "O3'" . DT  A 1 4  ? 11.386  1.467   2.412   1.00 12.71 ? 4   DT  A "O3'" 1 
ATOM   70  C  "C2'" . DT  A 1 4  ? 10.418  -0.442  1.130   1.00 8.56  ? 4   DT  A "C2'" 1 
ATOM   71  C  "C1'" . DT  A 1 4  ? 9.841   -1.766  1.604   1.00 10.81 ? 4   DT  A "C1'" 1 
ATOM   72  N  N1    . DT  A 1 4  ? 8.383   -1.870  1.359   1.00 10.09 ? 4   DT  A N1    1 
ATOM   73  C  C2    . DT  A 1 4  ? 7.973   -2.454  0.174   1.00 11.06 ? 4   DT  A C2    1 
ATOM   74  O  O2    . DT  A 1 4  ? 8.751   -2.786  -0.703  1.00 11.89 ? 4   DT  A O2    1 
ATOM   75  N  N3    . DT  A 1 4  ? 6.605   -2.622  0.056   1.00 12.56 ? 4   DT  A N3    1 
ATOM   76  C  C4    . DT  A 1 4  ? 5.639   -2.232  0.964   1.00 9.14  ? 4   DT  A C4    1 
ATOM   77  O  O4    . DT  A 1 4  ? 4.452   -2.480  0.761   1.00 10.30 ? 4   DT  A O4    1 
ATOM   78  C  C5    . DT  A 1 4  ? 6.131   -1.546  2.134   1.00 11.05 ? 4   DT  A C5    1 
ATOM   79  C  C7    . DT  A 1 4  ? 5.141   -0.991  3.100   1.00 9.94  ? 4   DT  A C7    1 
ATOM   80  C  C6    . DT  A 1 4  ? 7.462   -1.419  2.282   1.00 11.53 ? 4   DT  A C6    1 
ATOM   81  P  P     . DA  A 1 5  ? 10.958  2.920   1.933   1.00 15.66 ? 5   DA  A P     1 
ATOM   82  O  OP1   . DA  A 1 5  ? 12.181  3.780   2.077   1.00 16.46 ? 5   DA  A OP1   1 
ATOM   83  O  OP2   . DA  A 1 5  ? 9.689   3.328   2.607   1.00 16.67 ? 5   DA  A OP2   1 
ATOM   84  O  "O5'" . DA  A 1 5  ? 10.637  2.678   0.396   1.00 13.35 ? 5   DA  A "O5'" 1 
ATOM   85  C  "C5'" . DA  A 1 5  ? 9.602   3.375   -0.260  1.00 15.25 ? 5   DA  A "C5'" 1 
ATOM   86  C  "C4'" . DA  A 1 5  ? 9.422   2.788   -1.635  1.00 14.51 ? 5   DA  A "C4'" 1 
ATOM   87  O  "O4'" . DA  A 1 5  ? 9.008   1.414   -1.516  1.00 11.85 ? 5   DA  A "O4'" 1 
ATOM   88  C  "C3'" . DA  A 1 5  ? 8.346   3.441   -2.468  1.00 15.31 ? 5   DA  A "C3'" 1 
ATOM   89  O  "O3'" . DA  A 1 5  ? 8.880   4.607   -3.075  1.00 18.09 ? 5   DA  A "O3'" 1 
ATOM   90  C  "C2'" . DA  A 1 5  ? 8.019   2.339   -3.457  1.00 13.27 ? 5   DA  A "C2'" 1 
ATOM   91  C  "C1'" . DA  A 1 5  ? 8.125   1.084   -2.595  1.00 12.90 ? 5   DA  A "C1'" 1 
ATOM   92  N  N9    . DA  A 1 5  ? 6.835   0.710   -2.018  1.00 13.02 ? 5   DA  A N9    1 
ATOM   93  C  C8    . DA  A 1 5  ? 6.352   0.939   -0.752  1.00 14.48 ? 5   DA  A C8    1 
ATOM   94  N  N7    . DA  A 1 5  ? 5.124   0.495   -0.569  1.00 12.50 ? 5   DA  A N7    1 
ATOM   95  C  C5    . DA  A 1 5  ? 4.789   -0.059  -1.800  1.00 9.92  ? 5   DA  A C5    1 
ATOM   96  C  C6    . DA  A 1 5  ? 3.618   -0.712  -2.269  1.00 10.46 ? 5   DA  A C6    1 
ATOM   97  N  N6    . DA  A 1 5  ? 2.521   -0.893  -1.540  1.00 9.71  ? 5   DA  A N6    1 
ATOM   98  N  N1    . DA  A 1 5  ? 3.631   -1.164  -3.540  1.00 10.81 ? 5   DA  A N1    1 
ATOM   99  C  C2    . DA  A 1 5  ? 4.714   -0.973  -4.273  1.00 10.81 ? 5   DA  A C2    1 
ATOM   100 N  N3    . DA  A 1 5  ? 5.855   -0.376  -3.957  1.00 12.00 ? 5   DA  A N3    1 
ATOM   101 C  C4    . DA  A 1 5  ? 5.828   0.058   -2.689  1.00 12.03 ? 5   DA  A C4    1 
HETATM 102 P  P     . TFE A 1 6  ? 7.932   5.870   -3.332  1.00 16.38 ? 6   TFE A P     1 
HETATM 103 O  OP1   . TFE A 1 6  ? 8.856   6.909   -3.875  1.00 18.35 ? 6   TFE A OP1   1 
HETATM 104 O  OP2   . TFE A 1 6  ? 7.103   6.192   -2.154  1.00 14.92 ? 6   TFE A OP2   1 
HETATM 105 O  "O5'" . TFE A 1 6  ? 7.011   5.359   -4.515  1.00 17.32 ? 6   TFE A "O5'" 1 
HETATM 106 C  "C5'" . TFE A 1 6  ? 7.601   4.995   -5.762  1.00 18.32 ? 6   TFE A "C5'" 1 
HETATM 107 C  "C4'" . TFE A 1 6  ? 6.571   4.375   -6.647  1.00 18.02 ? 6   TFE A "C4'" 1 
HETATM 108 O  "O4'" . TFE A 1 6  ? 6.177   3.077   -6.127  1.00 17.28 ? 6   TFE A "O4'" 1 
HETATM 109 C  "C1'" . TFE A 1 6  ? 4.811   2.852   -6.433  1.00 15.86 ? 6   TFE A "C1'" 1 
HETATM 110 N  N1    . TFE A 1 6  ? 4.047   2.723   -5.176  1.00 14.22 ? 6   TFE A N1    1 
HETATM 111 C  C6    . TFE A 1 6  ? 4.450   3.296   -3.987  1.00 14.21 ? 6   TFE A C6    1 
HETATM 112 C  C2    . TFE A 1 6  ? 2.887   1.999   -5.267  1.00 14.71 ? 6   TFE A C2    1 
HETATM 113 O  O2    . TFE A 1 6  ? 2.480   1.555   -6.327  1.00 16.12 ? 6   TFE A O2    1 
HETATM 114 N  N3    . TFE A 1 6  ? 2.206   1.849   -4.090  1.00 14.05 ? 6   TFE A N3    1 
HETATM 115 C  C4    . TFE A 1 6  ? 2.540   2.394   -2.867  1.00 12.82 ? 6   TFE A C4    1 
HETATM 116 O  O4    . TFE A 1 6  ? 1.816   2.207   -1.904  1.00 15.71 ? 6   TFE A O4    1 
HETATM 117 C  C5    . TFE A 1 6  ? 3.764   3.184   -2.849  1.00 12.83 ? 6   TFE A C5    1 
HETATM 118 C  C5M   . TFE A 1 6  ? 4.199   3.832   -1.572  1.00 13.08 ? 6   TFE A C5M   1 
HETATM 119 C  "C2'" . TFE A 1 6  ? 4.302   4.055   -7.223  1.00 14.66 ? 6   TFE A "C2'" 1 
HETATM 120 O  "O2'" . TFE A 1 6  ? 4.583   3.870   -8.607  1.00 16.90 ? 6   TFE A "O2'" 1 
HETATM 121 C  "CB'" . TFE A 1 6  ? 3.935   2.778   -9.233  1.00 19.48 ? 6   TFE A "CB'" 1 
HETATM 122 C  "CC'" . TFE A 1 6  ? 4.219   2.851   -10.670 1.00 24.34 ? 6   TFE A "CC'" 1 
HETATM 123 F  "FD'" . TFE A 1 6  ? 3.521   1.930   -11.305 1.00 26.90 ? 6   TFE A "FD'" 1 
HETATM 124 F  "FE'" . TFE A 1 6  ? 3.887   4.031   -11.164 1.00 27.46 ? 6   TFE A "FE'" 1 
HETATM 125 F  "FF'" . TFE A 1 6  ? 5.504   2.691   -10.946 1.00 28.15 ? 6   TFE A "FF'" 1 
HETATM 126 C  "C3'" . TFE A 1 6  ? 5.260   5.134   -6.747  1.00 17.22 ? 6   TFE A "C3'" 1 
HETATM 127 O  "O3'" . TFE A 1 6  ? 5.329   6.256   -7.615  1.00 16.93 ? 6   TFE A "O3'" 1 
ATOM   128 P  P     . DA  A 1 7  ? 4.340   7.492   -7.368  1.00 15.68 ? 7   DA  A P     1 
ATOM   129 O  OP1   . DA  A 1 7  ? 4.785   8.549   -8.328  1.00 19.68 ? 7   DA  A OP1   1 
ATOM   130 O  OP2   . DA  A 1 7  ? 4.258   7.796   -5.910  1.00 17.57 ? 7   DA  A OP2   1 
ATOM   131 O  "O5'" . DA  A 1 7  ? 2.934   6.947   -7.873  1.00 14.81 ? 7   DA  A "O5'" 1 
ATOM   132 C  "C5'" . DA  A 1 7  ? 2.703   6.666   -9.257  1.00 13.83 ? 7   DA  A "C5'" 1 
ATOM   133 C  "C4'" . DA  A 1 7  ? 1.313   6.105   -9.448  1.00 12.48 ? 7   DA  A "C4'" 1 
ATOM   134 O  "O4'" . DA  A 1 7  ? 1.233   4.806   -8.807  1.00 15.22 ? 7   DA  A "O4'" 1 
ATOM   135 C  "C3'" . DA  A 1 7  ? 0.199   6.913   -8.790  1.00 13.52 ? 7   DA  A "C3'" 1 
ATOM   136 O  "O3'" . DA  A 1 7  ? -0.217  8.005   -9.603  1.00 15.24 ? 7   DA  A "O3'" 1 
ATOM   137 C  "C2'" . DA  A 1 7  ? -0.884  5.867   -8.638  1.00 12.90 ? 7   DA  A "C2'" 1 
ATOM   138 C  "C1'" . DA  A 1 7  ? -0.082  4.604   -8.290  1.00 12.17 ? 7   DA  A "C1'" 1 
ATOM   139 N  N9    . DA  A 1 7  ? 0.017   4.472   -6.843  1.00 13.04 ? 7   DA  A N9    1 
ATOM   140 C  C8    . DA  A 1 7  ? 0.955   4.981   -5.975  1.00 12.67 ? 7   DA  A C8    1 
ATOM   141 N  N7    . DA  A 1 7  ? 0.671   4.764   -4.712  1.00 12.56 ? 7   DA  A N7    1 
ATOM   142 C  C5    . DA  A 1 7  ? -0.511  4.037   -4.756  1.00 11.40 ? 7   DA  A C5    1 
ATOM   143 C  C6    . DA  A 1 7  ? -1.340  3.517   -3.757  1.00 11.97 ? 7   DA  A C6    1 
ATOM   144 N  N6    . DA  A 1 7  ? -1.103  3.630   -2.438  1.00 13.34 ? 7   DA  A N6    1 
ATOM   145 N  N1    . DA  A 1 7  ? -2.438  2.849   -4.143  1.00 11.44 ? 7   DA  A N1    1 
ATOM   146 C  C2    . DA  A 1 7  ? -2.690  2.716   -5.446  1.00 11.26 ? 7   DA  A C2    1 
ATOM   147 N  N3    . DA  A 1 7  ? -1.996  3.160   -6.481  1.00 12.96 ? 7   DA  A N3    1 
ATOM   148 C  C4    . DA  A 1 7  ? -0.909  3.832   -6.061  1.00 11.99 ? 7   DA  A C4    1 
ATOM   149 P  P     . DC  A 1 8  ? -0.901  9.282   -8.925  1.00 14.76 ? 8   DC  A P     1 
ATOM   150 O  OP1   . DC  A 1 8  ? -1.049  10.290  -10.043 1.00 16.23 ? 8   DC  A OP1   1 
ATOM   151 O  OP2   . DC  A 1 8  ? -0.195  9.625   -7.658  1.00 14.00 ? 8   DC  A OP2   1 
ATOM   152 O  "O5'" . DC  A 1 8  ? -2.375  8.807   -8.547  1.00 13.85 ? 8   DC  A "O5'" 1 
ATOM   153 C  "C5'" . DC  A 1 8  ? -3.298  8.385   -9.564  1.00 14.35 ? 8   DC  A "C5'" 1 
ATOM   154 C  "C4'" . DC  A 1 8  ? -4.508  7.733   -8.936  1.00 12.08 ? 8   DC  A "C4'" 1 
ATOM   155 O  "O4'" . DC  A 1 8  ? -4.093  6.557   -8.209  1.00 13.38 ? 8   DC  A "O4'" 1 
ATOM   156 C  "C3'" . DC  A 1 8  ? -5.285  8.542   -7.899  1.00 12.93 ? 8   DC  A "C3'" 1 
ATOM   157 O  "O3'" . DC  A 1 8  ? -6.220  9.434   -8.490  1.00 14.07 ? 8   DC  A "O3'" 1 
ATOM   158 C  "C2'" . DC  A 1 8  ? -6.014  7.444   -7.145  1.00 12.17 ? 8   DC  A "C2'" 1 
ATOM   159 C  "C1'" . DC  A 1 8  ? -4.974  6.345   -7.110  1.00 13.58 ? 8   DC  A "C1'" 1 
ATOM   160 N  N1    . DC  A 1 8  ? -4.196  6.431   -5.874  1.00 12.71 ? 8   DC  A N1    1 
ATOM   161 C  C2    . DC  A 1 8  ? -4.706  5.806   -4.761  1.00 12.70 ? 8   DC  A C2    1 
ATOM   162 O  O2    . DC  A 1 8  ? -5.777  5.193   -4.879  1.00 12.25 ? 8   DC  A O2    1 
ATOM   163 N  N3    . DC  A 1 8  ? -4.035  5.888   -3.581  1.00 11.84 ? 8   DC  A N3    1 
ATOM   164 C  C4    . DC  A 1 8  ? -2.907  6.595   -3.502  1.00 16.00 ? 8   DC  A C4    1 
ATOM   165 N  N4    . DC  A 1 8  ? -2.293  6.681   -2.322  1.00 15.07 ? 8   DC  A N4    1 
ATOM   166 C  C5    . DC  A 1 8  ? -2.354  7.250   -4.633  1.00 13.01 ? 8   DC  A C5    1 
ATOM   167 C  C6    . DC  A 1 8  ? -3.023  7.130   -5.804  1.00 13.61 ? 8   DC  A C6    1 
ATOM   168 P  P     . DG  A 1 9  ? -6.777  10.685  -7.659  1.00 12.57 ? 9   DG  A P     1 
ATOM   169 O  OP1   . DG  A 1 9  ? -7.539  11.487  -8.658  1.00 15.27 ? 9   DG  A OP1   1 
ATOM   170 O  OP2   . DG  A 1 9  ? -5.724  11.333  -6.862  1.00 13.47 ? 9   DG  A OP2   1 
ATOM   171 O  "O5'" . DG  A 1 9  ? -7.804  10.042  -6.645  1.00 11.05 ? 9   DG  A "O5'" 1 
ATOM   172 C  "C5'" . DG  A 1 9  ? -9.010  9.431   -7.055  1.00 9.43  ? 9   DG  A "C5'" 1 
ATOM   173 C  "C4'" . DG  A 1 9  ? -9.740  8.920   -5.832  1.00 13.26 ? 9   DG  A "C4'" 1 
ATOM   174 O  "O4'" . DG  A 1 9  ? -8.967  7.888   -5.198  1.00 12.25 ? 9   DG  A "O4'" 1 
ATOM   175 C  "C3'" . DG  A 1 9  ? -9.934  9.936   -4.703  1.00 11.44 ? 9   DG  A "C3'" 1 
ATOM   176 O  "O3'" . DG  A 1 9  ? -11.030 10.798  -4.914  1.00 11.73 ? 9   DG  A "O3'" 1 
ATOM   177 C  "C2'" . DG  A 1 9  ? -10.180 9.039   -3.512  1.00 11.71 ? 9   DG  A "C2'" 1 
ATOM   178 C  "C1'" . DG  A 1 9  ? -9.194  7.926   -3.783  1.00 13.31 ? 9   DG  A "C1'" 1 
ATOM   179 N  N9    . DG  A 1 9  ? -7.920  8.201   -3.123  1.00 13.10 ? 9   DG  A N9    1 
ATOM   180 C  C8    . DG  A 1 9  ? -6.750  8.640   -3.682  1.00 14.48 ? 9   DG  A C8    1 
ATOM   181 N  N7    . DG  A 1 9  ? -5.780  8.773   -2.808  1.00 14.90 ? 9   DG  A N7    1 
ATOM   182 C  C5    . DG  A 1 9  ? -6.356  8.384   -1.603  1.00 13.02 ? 9   DG  A C5    1 
ATOM   183 C  C6    . DG  A 1 9  ? -5.796  8.281   -0.294  1.00 13.80 ? 9   DG  A C6    1 
ATOM   184 O  O6    . DG  A 1 9  ? -4.635  8.463   0.060   1.00 13.40 ? 9   DG  A O6    1 
ATOM   185 N  N1    . DG  A 1 9  ? -6.753  7.897   0.641   1.00 13.59 ? 9   DG  A N1    1 
ATOM   186 C  C2    . DG  A 1 9  ? -8.063  7.606   0.366   1.00 13.33 ? 9   DG  A C2    1 
ATOM   187 N  N2    . DG  A 1 9  ? -8.827  7.257   1.424   1.00 14.00 ? 9   DG  A N2    1 
ATOM   188 N  N3    . DG  A 1 9  ? -8.591  7.654   -0.855  1.00 14.24 ? 9   DG  A N3    1 
ATOM   189 C  C4    . DG  A 1 9  ? -7.681  8.057   -1.780  1.00 13.10 ? 9   DG  A C4    1 
ATOM   190 P  P     . DC  A 1 10 ? -10.973 12.297  -4.315  1.00 14.26 ? 10  DC  A P     1 
ATOM   191 O  OP1   . DC  A 1 10 ? -12.154 12.969  -4.908  1.00 18.66 ? 10  DC  A OP1   1 
ATOM   192 O  OP2   . DC  A 1 10 ? -9.645  12.894  -4.463  1.00 14.01 ? 10  DC  A OP2   1 
ATOM   193 O  "O5'" . DC  A 1 10 ? -11.192 12.058  -2.753  1.00 12.53 ? 10  DC  A "O5'" 1 
ATOM   194 C  "C5'" . DC  A 1 10 ? -12.404 11.514  -2.264  1.00 11.24 ? 10  DC  A "C5'" 1 
ATOM   195 C  "C4'" . DC  A 1 10 ? -12.370 11.467  -0.754  1.00 13.22 ? 10  DC  A "C4'" 1 
ATOM   196 O  "O4'" . DC  A 1 10 ? -11.370 10.519  -0.311  1.00 13.16 ? 10  DC  A "O4'" 1 
ATOM   197 C  "C3'" . DC  A 1 10 ? -12.012 12.777  -0.069  1.00 14.83 ? 10  DC  A "C3'" 1 
ATOM   198 O  "O3'" . DC  A 1 10 ? -13.212 13.532  0.110   1.00 14.88 ? 10  DC  A "O3'" 1 
ATOM   199 C  "C2'" . DC  A 1 10 ? -11.466 12.301  1.259   1.00 13.29 ? 10  DC  A "C2'" 1 
ATOM   200 C  "C1'" . DC  A 1 10 ? -10.794 10.978  0.912   1.00 13.87 ? 10  DC  A "C1'" 1 
ATOM   201 N  N1    . DC  A 1 10 ? -9.356  11.129  0.709   1.00 14.03 ? 10  DC  A N1    1 
ATOM   202 C  C2    . DC  A 1 10 ? -8.540  11.011  1.819   1.00 13.68 ? 10  DC  A C2    1 
ATOM   203 O  O2    . DC  A 1 10 ? -9.075  10.775  2.920   1.00 13.47 ? 10  DC  A O2    1 
ATOM   204 N  N3    . DC  A 1 10 ? -7.200  11.156  1.681   1.00 14.36 ? 10  DC  A N3    1 
ATOM   205 C  C4    . DC  A 1 10 ? -6.680  11.412  0.475   1.00 15.78 ? 10  DC  A C4    1 
ATOM   206 N  N4    . DC  A 1 10 ? -5.363  11.560  0.378   1.00 15.51 ? 10  DC  A N4    1 
ATOM   207 C  C5    . DC  A 1 10 ? -7.496  11.535  -0.684  1.00 13.37 ? 10  DC  A C5    1 
ATOM   208 C  C6    . DC  A 1 10 ? -8.819  11.387  -0.524  1.00 13.70 ? 10  DC  A C6    1 
ATOM   209 O  "O5'" . DG  B 1 1  ? 0.113   8.409   8.476   1.00 31.22 ? 11  DG  B "O5'" 1 
ATOM   210 C  "C5'" . DG  B 1 1  ? -0.410  8.549   9.826   1.00 28.76 ? 11  DG  B "C5'" 1 
ATOM   211 C  "C4'" . DG  B 1 1  ? -1.909  8.731   9.909   1.00 23.65 ? 11  DG  B "C4'" 1 
ATOM   212 O  "O4'" . DG  B 1 1  ? -2.284  9.998   9.330   1.00 26.31 ? 11  DG  B "O4'" 1 
ATOM   213 C  "C3'" . DG  B 1 1  ? -2.737  7.698   9.156   1.00 22.52 ? 11  DG  B "C3'" 1 
ATOM   214 O  "O3'" . DG  B 1 1  ? -2.978  6.537   9.969   1.00 18.79 ? 11  DG  B "O3'" 1 
ATOM   215 C  "C2'" . DG  B 1 1  ? -4.022  8.455   8.859   1.00 22.21 ? 11  DG  B "C2'" 1 
ATOM   216 C  "C1'" . DG  B 1 1  ? -3.535  9.887   8.654   1.00 22.87 ? 11  DG  B "C1'" 1 
ATOM   217 N  N9    . DG  B 1 1  ? -3.302  10.248  7.258   1.00 20.16 ? 11  DG  B N9    1 
ATOM   218 C  C8    . DG  B 1 1  ? -2.087  10.541  6.684   1.00 19.20 ? 11  DG  B C8    1 
ATOM   219 N  N7    . DG  B 1 1  ? -2.184  10.865  5.421   1.00 19.33 ? 11  DG  B N7    1 
ATOM   220 C  C5    . DG  B 1 1  ? -3.540  10.771  5.146   1.00 18.94 ? 11  DG  B C5    1 
ATOM   221 C  C6    . DG  B 1 1  ? -4.252  11.011  3.938   1.00 19.14 ? 11  DG  B C6    1 
ATOM   222 O  O6    . DG  B 1 1  ? -3.808  11.393  2.847   1.00 18.98 ? 11  DG  B O6    1 
ATOM   223 N  N1    . DG  B 1 1  ? -5.611  10.785  4.093   1.00 16.34 ? 11  DG  B N1    1 
ATOM   224 C  C2    . DG  B 1 1  ? -6.217  10.388  5.264   1.00 18.62 ? 11  DG  B C2    1 
ATOM   225 N  N2    . DG  B 1 1  ? -7.550  10.227  5.232   1.00 15.25 ? 11  DG  B N2    1 
ATOM   226 N  N3    . DG  B 1 1  ? -5.567  10.166  6.392   1.00 14.86 ? 11  DG  B N3    1 
ATOM   227 C  C4    . DG  B 1 1  ? -4.243  10.378  6.262   1.00 19.07 ? 11  DG  B C4    1 
ATOM   228 P  P     . DC  B 1 2  ? -3.181  5.120   9.276   1.00 18.76 ? 12  DC  B P     1 
ATOM   229 O  OP1   . DC  B 1 2  ? -3.227  4.038   10.328  1.00 21.89 ? 12  DC  B OP1   1 
ATOM   230 O  OP2   . DC  B 1 2  ? -2.229  4.982   8.158   1.00 21.45 ? 12  DC  B OP2   1 
ATOM   231 O  "O5'" . DC  B 1 2  ? -4.631  5.243   8.626   1.00 20.00 ? 12  DC  B "O5'" 1 
ATOM   232 C  "C5'" . DC  B 1 2  ? -5.828  5.334   9.438   1.00 17.56 ? 12  DC  B "C5'" 1 
ATOM   233 C  "C4'" . DC  B 1 2  ? -7.041  5.488   8.544   1.00 15.52 ? 12  DC  B "C4'" 1 
ATOM   234 O  "O4'" . DC  B 1 2  ? -6.959  6.752   7.857   1.00 15.20 ? 12  DC  B "O4'" 1 
ATOM   235 C  "C3'" . DC  B 1 2  ? -7.145  4.459   7.434   1.00 14.99 ? 12  DC  B "C3'" 1 
ATOM   236 O  "O3'" . DC  B 1 2  ? -7.711  3.218   7.874   1.00 16.45 ? 12  DC  B "O3'" 1 
ATOM   237 C  "C2'" . DC  B 1 2  ? -7.996  5.175   6.392   1.00 14.81 ? 12  DC  B "C2'" 1 
ATOM   238 C  "C1'" . DC  B 1 2  ? -7.505  6.608   6.522   1.00 13.98 ? 12  DC  B "C1'" 1 
ATOM   239 N  N1    . DC  B 1 2  ? -6.432  6.882   5.548   1.00 14.47 ? 12  DC  B N1    1 
ATOM   240 C  C2    . DC  B 1 2  ? -6.816  7.173   4.247   1.00 12.37 ? 12  DC  B C2    1 
ATOM   241 O  O2    . DC  B 1 2  ? -8.018  7.123   3.983   1.00 14.84 ? 12  DC  B O2    1 
ATOM   242 N  N3    . DC  B 1 2  ? -5.871  7.470   3.325   1.00 15.07 ? 12  DC  B N3    1 
ATOM   243 C  C4    . DC  B 1 2  ? -4.579  7.445   3.661   1.00 15.68 ? 12  DC  B C4    1 
ATOM   244 N  N4    . DC  B 1 2  ? -3.673  7.766   2.731   1.00 17.63 ? 12  DC  B N4    1 
ATOM   245 C  C5    . DC  B 1 2  ? -4.153  7.097   4.981   1.00 13.64 ? 12  DC  B C5    1 
ATOM   246 C  C6    . DC  B 1 2  ? -5.106  6.847   5.885   1.00 14.04 ? 12  DC  B C6    1 
ATOM   247 P  P     . DG  B 1 3  ? -7.218  1.859   7.186   1.00 18.71 ? 13  DG  B P     1 
ATOM   248 O  OP1   . DG  B 1 3  ? -7.941  0.720   7.812   1.00 20.34 ? 13  DG  B OP1   1 
ATOM   249 O  OP2   . DG  B 1 3  ? -5.745  1.843   7.096   1.00 19.63 ? 13  DG  B OP2   1 
ATOM   250 O  "O5'" . DG  B 1 3  ? -7.769  1.970   5.699   1.00 14.54 ? 13  DG  B "O5'" 1 
ATOM   251 C  "C5'" . DG  B 1 3  ? -9.152  2.017   5.505   1.00 16.96 ? 13  DG  B "C5'" 1 
ATOM   252 C  "C4'" . DG  B 1 3  ? -9.448  2.259   4.052   1.00 16.65 ? 13  DG  B "C4'" 1 
ATOM   253 O  "O4'" . DG  B 1 3  ? -8.948  3.552   3.676   1.00 16.33 ? 13  DG  B "O4'" 1 
ATOM   254 C  "C3'" . DG  B 1 3  ? -8.752  1.315   3.096   1.00 12.76 ? 13  DG  B "C3'" 1 
ATOM   255 O  "O3'" . DG  B 1 3  ? -9.414  0.070   3.028   1.00 13.59 ? 13  DG  B "O3'" 1 
ATOM   256 C  "C2'" . DG  B 1 3  ? -8.863  2.081   1.799   1.00 16.04 ? 13  DG  B "C2'" 1 
ATOM   257 C  "C1'" . DG  B 1 3  ? -8.692  3.517   2.269   1.00 13.81 ? 13  DG  B "C1'" 1 
ATOM   258 N  N9    . DG  B 1 3  ? -7.320  3.950   2.045   1.00 13.66 ? 13  DG  B N9    1 
ATOM   259 C  C8    . DG  B 1 3  ? -6.286  4.056   2.954   1.00 12.23 ? 13  DG  B C8    1 
ATOM   260 N  N7    . DG  B 1 3  ? -5.156  4.425   2.401   1.00 12.74 ? 13  DG  B N7    1 
ATOM   261 C  C5    . DG  B 1 3  ? -5.479  4.583   1.050   1.00 11.33 ? 13  DG  B C5    1 
ATOM   262 C  C6    . DG  B 1 3  ? -4.682  4.974   -0.050  1.00 11.45 ? 13  DG  B C6    1 
ATOM   263 O  O6    . DG  B 1 3  ? -3.486  5.277   -0.076  1.00 14.67 ? 13  DG  B O6    1 
ATOM   264 N  N1    . DG  B 1 3  ? -5.422  4.997   -1.234  1.00 11.70 ? 13  DG  B N1    1 
ATOM   265 C  C2    . DG  B 1 3  ? -6.748  4.686   -1.333  1.00 13.10 ? 13  DG  B C2    1 
ATOM   266 N  N2    . DG  B 1 3  ? -7.258  4.728   -2.571  1.00 14.12 ? 13  DG  B N2    1 
ATOM   267 N  N3    . DG  B 1 3  ? -7.516  4.347   -0.313  1.00 9.74  ? 13  DG  B N3    1 
ATOM   268 C  C4    . DG  B 1 3  ? -6.817  4.307   0.836   1.00 11.23 ? 13  DG  B C4    1 
ATOM   269 P  P     . DT  B 1 4  ? -8.637  -1.187  2.446   1.00 15.08 ? 14  DT  B P     1 
ATOM   270 O  OP1   . DT  B 1 4  ? -9.535  -2.345  2.619   1.00 16.56 ? 14  DT  B OP1   1 
ATOM   271 O  OP2   . DT  B 1 4  ? -7.250  -1.248  2.972   1.00 13.95 ? 14  DT  B OP2   1 
ATOM   272 O  "O5'" . DT  B 1 4  ? -8.518  -0.873  0.896   1.00 14.93 ? 14  DT  B "O5'" 1 
ATOM   273 C  "C5'" . DT  B 1 4  ? -9.651  -0.954  0.054   1.00 17.32 ? 14  DT  B "C5'" 1 
ATOM   274 C  "C4'" . DT  B 1 4  ? -9.229  -0.683  -1.364  1.00 14.40 ? 14  DT  B "C4'" 1 
ATOM   275 O  "O4'" . DT  B 1 4  ? -8.695  0.657   -1.471  1.00 16.76 ? 14  DT  B "O4'" 1 
ATOM   276 C  "C3'" . DT  B 1 4  ? -8.116  -1.563  -1.890  1.00 15.61 ? 14  DT  B "C3'" 1 
ATOM   277 O  "O3'" . DT  B 1 4  ? -8.611  -2.835  -2.290  1.00 16.82 ? 14  DT  B "O3'" 1 
ATOM   278 C  "C2'" . DT  B 1 4  ? -7.603  -0.739  -3.054  1.00 13.85 ? 14  DT  B "C2'" 1 
ATOM   279 C  "C1'" . DT  B 1 4  ? -7.707  0.674   -2.508  1.00 14.25 ? 14  DT  B "C1'" 1 
ATOM   280 N  N1    . DT  B 1 4  ? -6.414  1.080   -1.918  1.00 13.36 ? 14  DT  B N1    1 
ATOM   281 C  C2    . DT  B 1 4  ? -5.504  1.622   -2.800  1.00 14.71 ? 14  DT  B C2    1 
ATOM   282 O  O2    . DT  B 1 4  ? -5.760  1.744   -3.982  1.00 13.32 ? 14  DT  B O2    1 
ATOM   283 N  N3    . DT  B 1 4  ? -4.298  1.976   -2.255  1.00 13.39 ? 14  DT  B N3    1 
ATOM   284 C  C4    . DT  B 1 4  ? -3.918  1.809   -0.926  1.00 12.15 ? 14  DT  B C4    1 
ATOM   285 O  O4    . DT  B 1 4  ? -2.797  2.117   -0.575  1.00 13.66 ? 14  DT  B O4    1 
ATOM   286 C  C5    . DT  B 1 4  ? -4.928  1.232   -0.062  1.00 11.65 ? 14  DT  B C5    1 
ATOM   287 C  C7    . DT  B 1 4  ? -4.598  1.021   1.379   1.00 13.26 ? 14  DT  B C7    1 
ATOM   288 C  C6    . DT  B 1 4  ? -6.112  0.906   -0.593  1.00 13.16 ? 14  DT  B C6    1 
ATOM   289 P  P     . DA  B 1 5  ? -7.623  -4.072  -2.364  1.00 21.77 ? 15  DA  B P     1 
ATOM   290 O  OP1   . DA  B 1 5  ? -8.541  -5.210  -2.705  1.00 27.82 ? 15  DA  B OP1   1 
ATOM   291 O  OP2   . DA  B 1 5  ? -6.776  -4.146  -1.153  1.00 22.14 ? 15  DA  B OP2   1 
ATOM   292 O  "O5'" . DA  B 1 5  ? -6.717  -3.755  -3.623  1.00 20.96 ? 15  DA  B "O5'" 1 
ATOM   293 C  "C5'" . DA  B 1 5  ? -7.319  -3.547  -4.891  1.00 21.72 ? 15  DA  B "C5'" 1 
ATOM   294 C  "C4'" . DA  B 1 5  ? -6.285  -3.104  -5.894  1.00 16.05 ? 15  DA  B "C4'" 1 
ATOM   295 O  "O4'" . DA  B 1 5  ? -5.858  -1.761  -5.615  1.00 19.23 ? 15  DA  B "O4'" 1 
ATOM   296 C  "C3'" . DA  B 1 5  ? -4.999  -3.922  -5.955  1.00 18.37 ? 15  DA  B "C3'" 1 
ATOM   297 O  "O3'" . DA  B 1 5  ? -5.151  -5.101  -6.749  1.00 18.15 ? 15  DA  B "O3'" 1 
ATOM   298 C  "C2'" . DA  B 1 5  ? -4.041  -2.942  -6.592  1.00 17.31 ? 15  DA  B "C2'" 1 
ATOM   299 C  "C1'" . DA  B 1 5  ? -4.489  -1.619  -5.978  1.00 18.69 ? 15  DA  B "C1'" 1 
ATOM   300 N  N9    . DA  B 1 5  ? -3.744  -1.314  -4.762  1.00 16.11 ? 15  DA  B N9    1 
ATOM   301 C  C8    . DA  B 1 5  ? -4.104  -1.496  -3.448  1.00 16.44 ? 15  DA  B C8    1 
ATOM   302 N  N7    . DA  B 1 5  ? -3.196  -1.075  -2.590  1.00 14.96 ? 15  DA  B N7    1 
ATOM   303 C  C5    . DA  B 1 5  ? -2.180  -0.583  -3.397  1.00 14.23 ? 15  DA  B C5    1 
ATOM   304 C  C6    . DA  B 1 5  ? -0.946  0.024   -3.099  1.00 13.37 ? 15  DA  B C6    1 
ATOM   305 N  N6    . DA  B 1 5  ? -0.536  0.284   -1.860  1.00 14.25 ? 15  DA  B N6    1 
ATOM   306 N  N1    . DA  B 1 5  ? -0.144  0.363   -4.135  1.00 14.35 ? 15  DA  B N1    1 
ATOM   307 C  C2    . DA  B 1 5  ? -0.572  0.119   -5.373  1.00 15.05 ? 15  DA  B C2    1 
ATOM   308 N  N3    . DA  B 1 5  ? -1.719  -0.429  -5.783  1.00 15.44 ? 15  DA  B N3    1 
ATOM   309 C  C4    . DA  B 1 5  ? -2.487  -0.755  -4.733  1.00 15.36 ? 15  DA  B C4    1 
HETATM 310 P  P     . TFE B 1 6  ? -4.143  -6.332  -6.548  1.00 19.13 ? 16  TFE B P     1 
HETATM 311 O  OP1   . TFE B 1 6  ? -4.685  -7.421  -7.424  1.00 25.79 ? 16  TFE B OP1   1 
HETATM 312 O  OP2   . TFE B 1 6  ? -3.914  -6.608  -5.123  1.00 19.94 ? 16  TFE B OP2   1 
HETATM 313 O  "O5'" . TFE B 1 6  ? -2.778  -5.856  -7.185  1.00 21.81 ? 16  TFE B "O5'" 1 
HETATM 314 C  "C5'" . TFE B 1 6  ? -2.640  -5.725  -8.597  1.00 17.31 ? 16  TFE B "C5'" 1 
HETATM 315 C  "C4'" . TFE B 1 6  ? -1.252  -5.248  -8.933  1.00 19.04 ? 16  TFE B "C4'" 1 
HETATM 316 O  "O4'" . TFE B 1 6  ? -1.059  -3.918  -8.366  1.00 18.18 ? 16  TFE B "O4'" 1 
HETATM 317 C  "C1'" . TFE B 1 6  ? 0.307   -3.752  -8.011  1.00 18.75 ? 16  TFE B "C1'" 1 
HETATM 318 N  N1    . TFE B 1 6  ? 0.383   -3.521  -6.553  1.00 16.52 ? 16  TFE B N1    1 
HETATM 319 C  C6    . TFE B 1 6  ? -0.612  -3.957  -5.705  1.00 15.31 ? 16  TFE B C6    1 
HETATM 320 C  C2    . TFE B 1 6  ? 1.488   -2.849  -6.077  1.00 14.46 ? 16  TFE B C2    1 
HETATM 321 O  O2    . TFE B 1 6  ? 2.412   -2.495  -6.787  1.00 16.42 ? 16  TFE B O2    1 
HETATM 322 N  N3    . TFE B 1 6  ? 1.478   -2.624  -4.727  1.00 14.07 ? 16  TFE B N3    1 
HETATM 323 C  C4    . TFE B 1 6  ? 0.521   -3.033  -3.821  1.00 14.15 ? 16  TFE B C4    1 
HETATM 324 O  O4    . TFE B 1 6  ? 0.657   -2.795  -2.633  1.00 13.26 ? 16  TFE B O4    1 
HETATM 325 C  C5    . TFE B 1 6  ? -0.594  -3.761  -4.382  1.00 16.45 ? 16  TFE B C5    1 
HETATM 326 C  C5M   . TFE B 1 6  ? -1.670  -4.264  -3.465  1.00 17.90 ? 16  TFE B C5M   1 
HETATM 327 C  "C2'" . TFE B 1 6  ? 1.037   -5.038  -8.394  1.00 16.58 ? 16  TFE B "C2'" 1 
HETATM 328 O  "O2'" . TFE B 1 6  ? 1.427   -4.874  -9.745  1.00 20.64 ? 16  TFE B "O2'" 1 
HETATM 329 C  "CB'" . TFE B 1 6  ? 2.613   -4.108  -9.922  1.00 21.86 ? 16  TFE B "CB'" 1 
HETATM 330 C  "CC'" . TFE B 1 6  ? 3.018   -4.271  -11.319 1.00 25.80 ? 16  TFE B "CC'" 1 
HETATM 331 F  "FD'" . TFE B 1 6  ? 2.075   -3.868  -12.163 1.00 24.42 ? 16  TFE B "FD'" 1 
HETATM 332 F  "FE'" . TFE B 1 6  ? 3.274   -5.547  -11.525 1.00 26.50 ? 16  TFE B "FE'" 1 
HETATM 333 F  "FF'" . TFE B 1 6  ? 4.075   -3.564  -11.642 1.00 26.60 ? 16  TFE B "FF'" 1 
HETATM 334 C  "C3'" . TFE B 1 6  ? -0.097  -6.046  -8.348  1.00 20.14 ? 16  TFE B "C3'" 1 
HETATM 335 O  "O3'" . TFE B 1 6  ? 0.222   -7.267  -9.017  1.00 22.44 ? 16  TFE B "O3'" 1 
ATOM   336 P  P     . DA  B 1 7  ? 0.697   -8.525  -8.154  1.00 23.09 ? 17  DA  B P     1 
ATOM   337 O  OP1   . DA  B 1 7  ? 0.616   -9.744  -9.045  1.00 25.27 ? 17  DA  B OP1   1 
ATOM   338 O  OP2   . DA  B 1 7  ? 0.014   -8.530  -6.870  1.00 24.03 ? 17  DA  B OP2   1 
ATOM   339 O  "O5'" . DA  B 1 7  ? 2.235   -8.203  -7.865  1.00 21.86 ? 17  DA  B "O5'" 1 
ATOM   340 C  "C5'" . DA  B 1 7  ? 3.160   -8.035  -8.956  1.00 17.89 ? 17  DA  B "C5'" 1 
ATOM   341 C  "C4'" . DA  B 1 7  ? 4.485   -7.509  -8.459  1.00 16.60 ? 17  DA  B "C4'" 1 
ATOM   342 O  "O4'" . DA  B 1 7  ? 4.359   -6.151  -7.980  1.00 17.97 ? 17  DA  B "O4'" 1 
ATOM   343 C  "C3'" . DA  B 1 7  ? 5.119   -8.269  -7.303  1.00 16.90 ? 17  DA  B "C3'" 1 
ATOM   344 O  "O3'" . DA  B 1 7  ? 5.787   -9.453  -7.761  1.00 20.57 ? 17  DA  B "O3'" 1 
ATOM   345 C  "C2'" . DA  B 1 7  ? 6.085   -7.231  -6.760  1.00 18.07 ? 17  DA  B "C2'" 1 
ATOM   346 C  "C1'" . DA  B 1 7  ? 5.318   -5.919  -6.944  1.00 16.26 ? 17  DA  B "C1'" 1 
ATOM   347 N  N9    . DA  B 1 7  ? 4.587   -5.588  -5.725  1.00 17.04 ? 17  DA  B N9    1 
ATOM   348 C  C8    . DA  B 1 7  ? 3.302   -5.915  -5.378  1.00 16.43 ? 17  DA  B C8    1 
ATOM   349 N  N7    . DA  B 1 7  ? 2.960   -5.521  -4.178  1.00 16.07 ? 17  DA  B N7    1 
ATOM   350 C  C5    . DA  B 1 7  ? 4.097   -4.877  -3.704  1.00 13.50 ? 17  DA  B C5    1 
ATOM   351 C  C6    . DA  B 1 7  ? 4.391   -4.249  -2.481  1.00 11.77 ? 17  DA  B C6    1 
ATOM   352 N  N6    . DA  B 1 7  ? 3.525   -4.139  -1.480  1.00 11.26 ? 17  DA  B N6    1 
ATOM   353 N  N1    . DA  B 1 7  ? 5.631   -3.728  -2.333  1.00 10.68 ? 17  DA  B N1    1 
ATOM   354 C  C2    . DA  B 1 7  ? 6.494   -3.833  -3.332  1.00 12.71 ? 17  DA  B C2    1 
ATOM   355 N  N3    . DA  B 1 7  ? 6.332   -4.393  -4.528  1.00 14.36 ? 17  DA  B N3    1 
ATOM   356 C  C4    . DA  B 1 7  ? 5.102   -4.903  -4.646  1.00 13.84 ? 17  DA  B C4    1 
ATOM   357 P  P     . DC  B 1 8  ? 5.889   -10.730 -6.796  1.00 20.94 ? 18  DC  B P     1 
ATOM   358 O  OP1   . DC  B 1 8  ? 6.575   -11.801 -7.557  1.00 26.91 ? 18  DC  B OP1   1 
ATOM   359 O  OP2   . DC  B 1 8  ? 4.626   -11.006 -6.139  1.00 22.10 ? 18  DC  B OP2   1 
ATOM   360 O  "O5'" . DC  B 1 8  ? 6.868   -10.239 -5.642  1.00 17.41 ? 18  DC  B "O5'" 1 
ATOM   361 C  "C5'" . DC  B 1 8  ? 8.212   -9.887  -5.939  1.00 20.21 ? 18  DC  B "C5'" 1 
ATOM   362 C  "C4'" . DC  B 1 8  ? 8.850   -9.224  -4.741  1.00 18.37 ? 18  DC  B "C4'" 1 
ATOM   363 O  "O4'" . DC  B 1 8  ? 8.127   -8.020  -4.432  1.00 15.74 ? 18  DC  B "O4'" 1 
ATOM   364 C  "C3'" . DC  B 1 8  ? 8.854   -10.011 -3.440  1.00 19.11 ? 18  DC  B "C3'" 1 
ATOM   365 O  "O3'" . DC  B 1 8  ? 9.959   -10.903 -3.380  1.00 20.46 ? 18  DC  B "O3'" 1 
ATOM   366 C  "C2'" . DC  B 1 8  ? 9.014   -8.913  -2.405  1.00 16.53 ? 18  DC  B "C2'" 1 
ATOM   367 C  "C1'" . DC  B 1 8  ? 8.243   -7.750  -3.028  1.00 16.95 ? 18  DC  B "C1'" 1 
ATOM   368 N  N1    . DC  B 1 8  ? 6.898   -7.652  -2.451  1.00 14.89 ? 18  DC  B N1    1 
ATOM   369 C  C2    . DC  B 1 8  ? 6.741   -6.881  -1.311  1.00 15.07 ? 18  DC  B C2    1 
ATOM   370 O  O2    . DC  B 1 8  ? 7.733   -6.319  -0.851  1.00 14.88 ? 18  DC  B O2    1 
ATOM   371 N  N3    . DC  B 1 8  ? 5.523   -6.774  -0.737  1.00 15.52 ? 18  DC  B N3    1 
ATOM   372 C  C4    . DC  B 1 8  ? 4.482   -7.413  -1.271  1.00 15.02 ? 18  DC  B C4    1 
ATOM   373 N  N4    . DC  B 1 8  ? 3.282   -7.280  -0.674  1.00 18.03 ? 18  DC  B N4    1 
ATOM   374 C  C5    . DC  B 1 8  ? 4.615   -8.216  -2.448  1.00 14.36 ? 18  DC  B C5    1 
ATOM   375 C  C6    . DC  B 1 8  ? 5.827   -8.305  -2.996  1.00 15.15 ? 18  DC  B C6    1 
ATOM   376 P  P     . DG  B 1 9  ? 10.000  -12.042 -2.250  1.00 22.26 ? 19  DG  B P     1 
ATOM   377 O  OP1   . DG  B 1 9  ? 11.210  -12.845 -2.530  1.00 27.44 ? 19  DG  B OP1   1 
ATOM   378 O  OP2   . DG  B 1 9  ? 8.709   -12.676 -2.130  1.00 20.26 ? 19  DG  B OP2   1 
ATOM   379 O  "O5'" . DG  B 1 9  ? 10.094  -11.282 -0.847  1.00 24.51 ? 19  DG  B "O5'" 1 
ATOM   380 C  "C5'" . DG  B 1 9  ? 11.309  -10.854 -0.307  1.00 23.38 ? 19  DG  B "C5'" 1 
ATOM   381 C  "C4'" . DG  B 1 9  ? 11.060  -10.009 0.925   1.00 14.15 ? 19  DG  B "C4'" 1 
ATOM   382 O  "O4'" . DG  B 1 9  ? 9.966   -9.094  0.720   1.00 15.56 ? 19  DG  B "O4'" 1 
ATOM   383 C  "C3'" . DG  B 1 9  ? 10.711  -10.705 2.229   1.00 14.56 ? 19  DG  B "C3'" 1 
ATOM   384 O  "O3'" . DG  B 1 9  ? 11.891  -11.227 2.845   1.00 16.12 ? 19  DG  B "O3'" 1 
ATOM   385 C  "C2'" . DG  B 1 9  ? 10.136  -9.552  3.035   1.00 9.45  ? 19  DG  B "C2'" 1 
ATOM   386 C  "C1'" . DG  B 1 9  ? 9.415   -8.729  1.976   1.00 14.13 ? 19  DG  B "C1'" 1 
ATOM   387 N  N9    . DG  B 1 9  ? 7.968   -8.951  1.944   1.00 12.17 ? 19  DG  B N9    1 
ATOM   388 C  C8    . DG  B 1 9  ? 7.198   -9.540  0.958   1.00 11.46 ? 19  DG  B C8    1 
ATOM   389 N  N7    . DG  B 1 9  ? 5.918   -9.489  1.219   1.00 12.88 ? 19  DG  B N7    1 
ATOM   390 C  C5    . DG  B 1 9  ? 5.844   -8.838  2.449   1.00 14.72 ? 19  DG  B C5    1 
ATOM   391 C  C6    . DG  B 1 9  ? 4.715   -8.458  3.254   1.00 15.88 ? 19  DG  B C6    1 
ATOM   392 O  O6    . DG  B 1 9  ? 3.503   -8.579  3.012   1.00 16.99 ? 19  DG  B O6    1 
ATOM   393 N  N1    . DG  B 1 9  ? 5.117   -7.869  4.448   1.00 13.39 ? 19  DG  B N1    1 
ATOM   394 C  C2    . DG  B 1 9  ? 6.417   -7.663  4.833   1.00 12.56 ? 19  DG  B C2    1 
ATOM   395 N  N2    . DG  B 1 9  ? 6.607   -7.131  6.030   1.00 11.38 ? 19  DG  B N2    1 
ATOM   396 N  N3    . DG  B 1 9  ? 7.465   -7.972  4.084   1.00 14.28 ? 19  DG  B N3    1 
ATOM   397 C  C4    . DG  B 1 9  ? 7.105   -8.547  2.919   1.00 13.52 ? 19  DG  B C4    1 
ATOM   398 P  P     . DC  B 1 10 ? 11.767  -12.395 3.945   1.00 15.16 ? 20  DC  B P     1 
ATOM   399 O  OP1   . DC  B 1 10 ? 13.165  -12.798 4.215   1.00 18.11 ? 20  DC  B OP1   1 
ATOM   400 O  OP2   . DC  B 1 10 ? 10.813  -13.389 3.458   1.00 16.62 ? 20  DC  B OP2   1 
ATOM   401 O  "O5'" . DC  B 1 10 ? 11.096  -11.706 5.208   1.00 15.27 ? 20  DC  B "O5'" 1 
ATOM   402 C  "C5'" . DC  B 1 10 ? 11.794  -10.793 6.038   1.00 10.78 ? 20  DC  B "C5'" 1 
ATOM   403 C  "C4'" . DC  B 1 10 ? 10.909  -10.402 7.201   1.00 13.09 ? 20  DC  B "C4'" 1 
ATOM   404 O  "O4'" . DC  B 1 10 ? 9.716   -9.738  6.710   1.00 13.48 ? 20  DC  B "O4'" 1 
ATOM   405 C  "C3'" . DC  B 1 10 ? 10.375  -11.566 8.031   1.00 13.56 ? 20  DC  B "C3'" 1 
ATOM   406 O  "O3'" . DC  B 1 10 ? 11.298  -11.933 9.056   1.00 16.67 ? 20  DC  B "O3'" 1 
ATOM   407 C  "C2'" . DC  B 1 10 ? 9.111   -10.984 8.648   1.00 12.33 ? 20  DC  B "C2'" 1 
ATOM   408 C  "C1'" . DC  B 1 10 ? 8.616   -10.005 7.573   1.00 10.19 ? 20  DC  B "C1'" 1 
ATOM   409 N  N1    . DC  B 1 10 ? 7.489   -10.475 6.746   1.00 13.74 ? 20  DC  B N1    1 
ATOM   410 C  C2    . DC  B 1 10 ? 6.200   -10.254 7.192   1.00 12.43 ? 20  DC  B C2    1 
ATOM   411 O  O2    . DC  B 1 10 ? 6.030   -9.755  8.314   1.00 13.65 ? 20  DC  B O2    1 
ATOM   412 N  N3    . DC  B 1 10 ? 5.151   -10.600 6.408   1.00 12.24 ? 20  DC  B N3    1 
ATOM   413 C  C4    . DC  B 1 10 ? 5.362   -11.170 5.221   1.00 12.76 ? 20  DC  B C4    1 
ATOM   414 N  N4    . DC  B 1 10 ? 4.282   -11.455 4.450   1.00 13.01 ? 20  DC  B N4    1 
ATOM   415 C  C5    . DC  B 1 10 ? 6.675   -11.468 4.756   1.00 11.60 ? 20  DC  B C5    1 
ATOM   416 C  C6    . DC  B 1 10 ? 7.707   -11.099 5.551   1.00 12.57 ? 20  DC  B C6    1 
HETATM 417 MG MG    . MG  C 2 .  ? 0.123   -3.173  1.951   1.00 36.38 ? 101 MG  A MG    1 
HETATM 418 N  N1    . SPM D 3 .  ? -13.752 0.469   -0.005  1.00 27.52 ? 100 SPM B N1    1 
HETATM 419 C  C2    . SPM D 3 .  ? -13.985 -0.501  1.094   1.00 27.99 ? 100 SPM B C2    1 
HETATM 420 C  C3    . SPM D 3 .  ? -12.781 -0.697  1.997   1.00 27.31 ? 100 SPM B C3    1 
HETATM 421 C  C4    . SPM D 3 .  ? -12.899 -2.001  2.723   1.00 30.35 ? 100 SPM B C4    1 
HETATM 422 N  N5    . SPM D 3 .  ? -12.005 -2.048  3.864   1.00 32.77 ? 100 SPM B N5    1 
HETATM 423 C  C6    . SPM D 3 .  ? -12.568 -2.920  4.897   1.00 38.18 ? 100 SPM B C6    1 
HETATM 424 C  C7    . SPM D 3 .  ? -11.681 -4.122  5.224   1.00 38.89 ? 100 SPM B C7    1 
HETATM 425 C  C8    . SPM D 3 .  ? -10.580 -3.834  6.254   1.00 41.30 ? 100 SPM B C8    1 
HETATM 426 C  C9    . SPM D 3 .  ? -9.716  -2.620  5.895   1.00 41.58 ? 100 SPM B C9    1 
HETATM 427 N  N10   . SPM D 3 .  ? -8.311  -2.799  6.230   1.00 41.97 ? 100 SPM B N10   1 
HETATM 428 C  C11   . SPM D 3 .  ? -8.071  -2.460  7.624   1.00 41.61 ? 100 SPM B C11   1 
HETATM 429 C  C12   . SPM D 3 .  ? -6.594  -2.453  7.929   1.00 41.87 ? 100 SPM B C12   1 
HETATM 430 C  C13   . SPM D 3 .  ? -6.374  -2.435  9.418   1.00 41.67 ? 100 SPM B C13   1 
HETATM 431 N  N14   . SPM D 3 .  ? -6.871  -3.689  10.063  1.00 40.78 ? 100 SPM B N14   1 
HETATM 432 O  O     . HOH E 4 .  ? 0.568   -3.677  3.884   1.00 23.77 ? 102 HOH A O     1 
HETATM 433 O  O     . HOH E 4 .  ? 1.979   -1.888  1.630   1.00 26.22 ? 103 HOH A O     1 
HETATM 434 O  O     . HOH E 4 .  ? -1.416  -4.274  2.306   1.00 29.67 ? 104 HOH A O     1 
HETATM 435 O  O     . HOH E 4 .  ? -0.290  -1.266  2.731   0.50 23.97 ? 106 HOH A O     1 
HETATM 436 O  O     A HOH E 4 .  ? 0.653   -4.935  1.195   0.50 27.32 ? 107 HOH A O     1 
HETATM 437 O  O     B HOH E 4 .  ? -0.676  -5.823  0.424   0.50 23.54 ? 107 HOH A O     1 
HETATM 438 O  O     . HOH E 4 .  ? -13.764 14.787  -2.332  1.00 14.72 ? 108 HOH A O     1 
HETATM 439 O  O     . HOH E 4 .  ? 7.067   2.245   2.654   1.00 16.63 ? 109 HOH A O     1 
HETATM 440 O  O     . HOH E 4 .  ? -11.291 7.339   -0.538  1.00 16.41 ? 110 HOH A O     1 
HETATM 441 O  O     . HOH E 4 .  ? 1.885   6.250   -2.761  1.00 17.97 ? 111 HOH A O     1 
HETATM 442 O  O     . HOH E 4 .  ? 6.383   0.453   -8.343  1.00 23.29 ? 112 HOH A O     1 
HETATM 443 O  O     . HOH E 4 .  ? -6.915  12.452  -4.242  1.00 18.46 ? 115 HOH A O     1 
HETATM 444 O  O     . HOH E 4 .  ? -1.960  10.749  -5.505  1.00 21.14 ? 116 HOH A O     1 
HETATM 445 O  O     . HOH E 4 .  ? -0.736  -2.607  6.374   1.00 20.76 ? 117 HOH A O     1 
HETATM 446 O  O     . HOH E 4 .  ? 0.234   8.466   -2.517  1.00 23.22 ? 118 HOH A O     1 
HETATM 447 O  O     . HOH E 4 .  ? 7.696   -0.309  -6.076  1.00 18.60 ? 119 HOH A O     1 
HETATM 448 O  O     . HOH E 4 .  ? -13.910 11.006  -6.204  1.00 23.32 ? 120 HOH A O     1 
HETATM 449 O  O     . HOH E 4 .  ? 8.602   6.137   2.612   1.00 29.21 ? 121 HOH A O     1 
HETATM 450 O  O     . HOH E 4 .  ? 4.538   7.217   -3.200  1.00 20.27 ? 123 HOH A O     1 
HETATM 451 O  O     . HOH E 4 .  ? -3.295  10.140  -3.070  1.00 22.19 ? 124 HOH A O     1 
HETATM 452 O  O     . HOH E 4 .  ? 12.628  5.854   -0.135  1.00 24.91 ? 126 HOH A O     1 
HETATM 453 O  O     . HOH E 4 .  ? 6.090   -6.418  10.034  1.00 21.11 ? 127 HOH A O     1 
HETATM 454 O  O     . HOH E 4 .  ? -2.207  9.653   -0.615  1.00 28.62 ? 128 HOH A O     1 
HETATM 455 O  O     . HOH E 4 .  ? 7.371   5.104   5.550   1.00 49.10 ? 133 HOH A O     1 
HETATM 456 O  O     . HOH E 4 .  ? 8.060   -4.208  9.509   1.00 23.56 ? 136 HOH A O     1 
HETATM 457 O  O     . HOH E 4 .  ? 6.980   6.364   -10.306 0.50 26.71 ? 138 HOH A O     1 
HETATM 458 O  O     . HOH E 4 .  ? 11.185  3.923   5.975   1.00 38.48 ? 139 HOH A O     1 
HETATM 459 O  O     . HOH E 4 .  ? 5.323   3.892   1.727   1.00 33.80 ? 141 HOH A O     1 
HETATM 460 O  O     . HOH E 4 .  ? 6.107   8.611   0.926   0.50 26.60 ? 144 HOH A O     1 
HETATM 461 O  O     . HOH E 4 .  ? 14.038  2.785   3.832   1.00 30.62 ? 146 HOH A O     1 
HETATM 462 O  O     . HOH E 4 .  ? -12.341 15.484  -4.329  1.00 23.78 ? 150 HOH A O     1 
HETATM 463 O  O     . HOH E 4 .  ? 3.397   1.737   1.401   1.00 28.02 ? 155 HOH A O     1 
HETATM 464 O  O     . HOH E 4 .  ? 4.269   1.670   5.974   1.00 27.22 ? 156 HOH A O     1 
HETATM 465 O  O     . HOH E 4 .  ? 6.963   5.946   0.424   1.00 27.35 ? 161 HOH A O     1 
HETATM 466 O  O     . HOH E 4 .  ? 1.259   3.139   0.855   1.00 26.83 ? 162 HOH A O     1 
HETATM 467 O  O     . HOH E 4 .  ? 8.447   8.920   -5.590  1.00 36.56 ? 163 HOH A O     1 
HETATM 468 O  O     . HOH E 4 .  ? 2.602   -0.143  5.145   1.00 37.01 ? 164 HOH A O     1 
HETATM 469 O  O     . HOH E 4 .  ? 0.126   2.107   5.996   1.00 31.48 ? 166 HOH A O     1 
HETATM 470 O  O     . HOH E 4 .  ? 9.556   1.942   -7.199  1.00 27.16 ? 168 HOH A O     1 
HETATM 471 O  O     . HOH E 4 .  ? 14.364  0.504   4.080   1.00 35.51 ? 169 HOH A O     1 
HETATM 472 O  O     . HOH E 4 .  ? -4.503  12.369  -2.192  1.00 24.48 ? 170 HOH A O     1 
HETATM 473 O  O     . HOH E 4 .  ? -4.169  -12.350 8.155   0.50 30.99 ? 174 HOH A O     1 
HETATM 474 O  O     . HOH E 4 .  ? 1.740   -1.691  7.197   1.00 23.46 ? 175 HOH A O     1 
HETATM 475 O  O     . HOH E 4 .  ? 1.263   1.178   -8.771  1.00 23.85 ? 176 HOH A O     1 
HETATM 476 O  O     . HOH E 4 .  ? -7.213  11.446  -11.221 1.00 37.09 ? 177 HOH A O     1 
HETATM 477 O  O     . HOH E 4 .  ? -8.864  14.746  -6.369  1.00 28.13 ? 178 HOH A O     1 
HETATM 478 O  O     . HOH E 4 .  ? -13.993 8.258   -1.310  1.00 26.38 ? 179 HOH A O     1 
HETATM 479 O  O     . HOH E 4 .  ? -15.920 6.363   -0.300  1.00 37.11 ? 180 HOH A O     1 
HETATM 480 O  O     . HOH E 4 .  ? 0.672   5.376   -0.428  1.00 26.69 ? 181 HOH A O     1 
HETATM 481 O  O     . HOH E 4 .  ? 8.613   2.942   -9.460  1.00 36.27 ? 182 HOH A O     1 
HETATM 482 O  O     . HOH E 4 .  ? -3.324  -5.040  6.561   1.00 33.31 ? 185 HOH A O     1 
HETATM 483 O  O     . HOH E 4 .  ? 3.357   2.472   8.485   1.00 37.08 ? 186 HOH A O     1 
HETATM 484 O  O     . HOH E 4 .  ? -3.312  12.081  -6.953  1.00 39.57 ? 187 HOH A O     1 
HETATM 485 O  O     . HOH E 4 .  ? -2.474  -0.852  4.804   1.00 46.61 ? 188 HOH A O     1 
HETATM 486 O  O     . HOH E 4 .  ? -4.486  10.573  -12.731 1.00 36.11 ? 190 HOH A O     1 
HETATM 487 O  O     . HOH E 4 .  ? 13.255  3.266   7.101   0.50 27.79 ? 191 HOH A O     1 
HETATM 488 O  O     . HOH E 4 .  ? 7.263   9.305   2.832   1.00 43.85 ? 192 HOH A O     1 
HETATM 489 O  O     . HOH E 4 .  ? 1.457   8.787   -5.379  1.00 29.77 ? 193 HOH A O     1 
HETATM 490 O  O     . HOH E 4 .  ? 9.543   -2.454  9.970   0.50 28.53 ? 194 HOH A O     1 
HETATM 491 O  O     . HOH E 4 .  ? 1.252   12.243  -7.193  0.50 23.72 ? 196 HOH A O     1 
HETATM 492 O  O     . HOH E 4 .  ? -2.816  12.600  -9.120  0.50 23.36 ? 197 HOH A O     1 
HETATM 493 O  O     . HOH E 4 .  ? -3.645  -3.173  3.297   0.50 30.18 ? 198 HOH A O     1 
HETATM 494 O  O     . HOH E 4 .  ? -15.841 10.531  -4.596  0.50 28.65 ? 199 HOH A O     1 
HETATM 495 O  O     . HOH E 4 .  ? -14.579 11.070  -9.760  0.50 21.59 ? 200 HOH A O     1 
HETATM 496 O  O     . HOH E 4 .  ? -12.057 10.182  -9.011  1.00 33.48 ? 201 HOH A O     1 
HETATM 497 O  O     . HOH E 4 .  ? 0.256   14.339  -7.433  0.50 31.19 ? 202 HOH A O     1 
HETATM 498 O  O     . HOH E 4 .  ? 1.615   3.845   3.255   0.50 37.13 ? 204 HOH A O     1 
HETATM 499 O  O     . HOH E 4 .  ? -2.644  -12.781 5.944   0.50 35.07 ? 205 HOH A O     1 
HETATM 500 O  O     B HOH F 4 .  ? -0.056  -3.696  -0.202  0.50 25.42 ? 105 HOH B O     1 
HETATM 501 O  O     . HOH F 4 .  ? 0.760   -6.919  -2.829  1.00 20.82 ? 113 HOH B O     1 
HETATM 502 O  O     . HOH F 4 .  ? -6.512  1.538   -6.545  1.00 15.37 ? 114 HOH B O     1 
HETATM 503 O  O     . HOH F 4 .  ? 3.681   -10.982 0.055   1.00 21.56 ? 122 HOH B O     1 
HETATM 504 O  O     . HOH F 4 .  ? 8.034   -2.912  -6.636  1.00 22.12 ? 125 HOH B O     1 
HETATM 505 O  O     . HOH F 4 .  ? -3.070  -1.866  -0.027  1.00 29.37 ? 129 HOH B O     1 
HETATM 506 O  O     . HOH F 4 .  ? -12.600 -1.354  -1.407  1.00 20.61 ? 130 HOH B O     1 
HETATM 507 O  O     . HOH F 4 .  ? -2.522  4.066   3.455   1.00 24.81 ? 131 HOH B O     1 
HETATM 508 O  O     . HOH F 4 .  ? -1.349  2.386   1.663   1.00 26.17 ? 132 HOH B O     1 
HETATM 509 O  O     . HOH F 4 .  ? -1.123  -7.480  -4.768  1.00 26.93 ? 134 HOH B O     1 
HETATM 510 O  O     . HOH F 4 .  ? 4.498   -13.301 2.272   1.00 33.28 ? 135 HOH B O     1 
HETATM 511 O  O     . HOH F 4 .  ? -5.951  -7.031  -10.059 1.00 33.88 ? 137 HOH B O     1 
HETATM 512 O  O     . HOH F 4 .  ? 13.497  -13.003 8.074   1.00 24.95 ? 140 HOH B O     1 
HETATM 513 O  O     . HOH F 4 .  ? 0.247   -6.465  -12.168 1.00 37.20 ? 142 HOH B O     1 
HETATM 514 O  O     A HOH F 4 .  ? -1.840  -5.613  -15.219 0.50 23.37 ? 143 HOH B O     1 
HETATM 515 O  O     B HOH F 4 .  ? -0.295  -5.289  -14.196 0.50 20.62 ? 143 HOH B O     1 
HETATM 516 O  O     . HOH F 4 .  ? -1.312  10.866  1.514   1.00 37.09 ? 145 HOH B O     1 
HETATM 517 O  O     . HOH F 4 .  ? -8.374  1.188   10.661  1.00 32.71 ? 147 HOH B O     1 
HETATM 518 O  O     . HOH F 4 .  ? 2.256   -6.658  -15.030 1.00 34.94 ? 148 HOH B O     1 
HETATM 519 O  O     . HOH F 4 .  ? 15.217  -12.096 6.287   1.00 34.26 ? 149 HOH B O     1 
HETATM 520 O  O     . HOH F 4 .  ? 6.790   -5.507  -10.704 1.00 43.57 ? 151 HOH B O     1 
HETATM 521 O  O     . HOH F 4 .  ? -5.503  -2.444  1.096   1.00 30.77 ? 152 HOH B O     1 
HETATM 522 O  O     . HOH F 4 .  ? -3.643  3.050   6.003   1.00 33.66 ? 153 HOH B O     1 
HETATM 523 O  O     . HOH F 4 .  ? -5.451  -0.667  4.934   1.00 34.56 ? 154 HOH B O     1 
HETATM 524 O  O     . HOH F 4 .  ? 14.593  -12.541 1.140   1.00 39.31 ? 157 HOH B O     1 
HETATM 525 O  O     . HOH F 4 .  ? 13.597  -15.219 5.011   1.00 26.42 ? 158 HOH B O     1 
HETATM 526 O  O     . HOH F 4 .  ? -5.033  -3.433  11.990  1.00 28.30 ? 159 HOH B O     1 
HETATM 527 O  O     . HOH F 4 .  ? 7.503   -13.011 1.648   1.00 27.95 ? 160 HOH B O     1 
HETATM 528 O  O     . HOH F 4 .  ? -8.857  -5.094  2.459   1.00 25.63 ? 165 HOH B O     1 
HETATM 529 O  O     . HOH F 4 .  ? -4.917  -5.696  13.430  1.00 34.39 ? 167 HOH B O     1 
HETATM 530 O  O     . HOH F 4 .  ? -7.813  -7.635  -4.322  1.00 32.06 ? 171 HOH B O     1 
HETATM 531 O  O     . HOH F 4 .  ? -11.656 -8.047  -8.454  1.00 31.22 ? 172 HOH B O     1 
HETATM 532 O  O     . HOH F 4 .  ? 2.055   -9.644  -4.745  1.00 36.50 ? 173 HOH B O     1 
HETATM 533 O  O     A HOH F 4 .  ? -10.787 0.280   8.243   0.50 25.39 ? 183 HOH B O     1 
HETATM 534 O  O     B HOH F 4 .  ? -11.609 -1.330  9.205   0.50 20.65 ? 183 HOH B O     1 
HETATM 535 O  O     . HOH F 4 .  ? 4.659   -11.978 -2.408  1.00 30.28 ? 184 HOH B O     1 
HETATM 536 O  O     . HOH F 4 .  ? -1.221  6.598   1.061   1.00 29.72 ? 189 HOH B O     1 
HETATM 537 O  O     . HOH F 4 .  ? -1.292  0.216   -8.468  1.00 32.06 ? 195 HOH B O     1 
HETATM 538 O  O     . HOH F 4 .  ? -9.727  -1.029  10.873  0.50 25.20 ? 203 HOH B O     1 
HETATM 539 O  O     . HOH F 4 .  ? 6.580   -11.770 -1.266  0.50 28.66 ? 206 HOH B O     1 
HETATM 540 O  O     . HOH F 4 .  ? -3.354  5.697   13.255  0.50 29.15 ? 207 HOH B O     1 
HETATM 541 O  O     . HOH F 4 .  ? -1.988  -11.444 -9.426  0.50 29.43 ? 208 HOH B O     1 
HETATM 542 O  O     . HOH F 4 .  ? 1.483   -9.585  1.348   0.50 25.45 ? 209 HOH B O     1 
HETATM 543 O  O     . HOH F 4 .  ? -5.660  -1.521  13.562  0.50 27.60 ? 210 HOH B O     1 
HETATM 544 O  O     . HOH F 4 .  ? -0.628  6.999   3.307   0.50 32.87 ? 211 HOH B O     1 
HETATM 545 O  O     . HOH F 4 .  ? -4.659  1.827   10.986  0.50 28.86 ? 212 HOH B O     1 
# 
loop_
_pdbx_poly_seq_scheme.asym_id 
_pdbx_poly_seq_scheme.entity_id 
_pdbx_poly_seq_scheme.seq_id 
_pdbx_poly_seq_scheme.mon_id 
_pdbx_poly_seq_scheme.ndb_seq_num 
_pdbx_poly_seq_scheme.pdb_seq_num 
_pdbx_poly_seq_scheme.auth_seq_num 
_pdbx_poly_seq_scheme.pdb_mon_id 
_pdbx_poly_seq_scheme.auth_mon_id 
_pdbx_poly_seq_scheme.pdb_strand_id 
_pdbx_poly_seq_scheme.pdb_ins_code 
_pdbx_poly_seq_scheme.hetero 
A 1 1  DG  1  1  1  DG  G   A . n 
A 1 2  DC  2  2  2  DC  C   A . n 
A 1 3  DG  3  3  3  DG  G   A . n 
A 1 4  DT  4  4  4  DT  T   A . n 
A 1 5  DA  5  5  5  DA  A   A . n 
A 1 6  TFE 6  6  6  TFE TFE A . n 
A 1 7  DA  7  7  7  DA  A   A . n 
A 1 8  DC  8  8  8  DC  C   A . n 
A 1 9  DG  9  9  9  DG  G   A . n 
A 1 10 DC  10 10 10 DC  C   A . n 
B 1 1  DG  1  11 11 DG  G   B . n 
B 1 2  DC  2  12 12 DC  C   B . n 
B 1 3  DG  3  13 13 DG  G   B . n 
B 1 4  DT  4  14 14 DT  T   B . n 
B 1 5  DA  5  15 15 DA  A   B . n 
B 1 6  TFE 6  16 16 TFE TFE B . n 
B 1 7  DA  7  17 17 DA  A   B . n 
B 1 8  DC  8  18 18 DC  C   B . n 
B 1 9  DG  9  19 19 DG  G   B . n 
B 1 10 DC  10 20 20 DC  C   B . n 
# 
loop_
_pdbx_nonpoly_scheme.asym_id 
_pdbx_nonpoly_scheme.entity_id 
_pdbx_nonpoly_scheme.mon_id 
_pdbx_nonpoly_scheme.ndb_seq_num 
_pdbx_nonpoly_scheme.pdb_seq_num 
_pdbx_nonpoly_scheme.auth_seq_num 
_pdbx_nonpoly_scheme.pdb_mon_id 
_pdbx_nonpoly_scheme.auth_mon_id 
_pdbx_nonpoly_scheme.pdb_strand_id 
_pdbx_nonpoly_scheme.pdb_ins_code 
C 2 MG  1  101 101 MG  MG  A . 
D 3 SPM 1  100 100 SPM SPM B . 
E 4 HOH 1  102 102 HOH HOH A . 
E 4 HOH 2  103 103 HOH HOH A . 
E 4 HOH 3  104 104 HOH HOH A . 
E 4 HOH 4  106 106 HOH HOH A . 
E 4 HOH 5  107 107 HOH HOH A . 
E 4 HOH 6  108 108 HOH HOH A . 
E 4 HOH 7  109 109 HOH HOH A . 
E 4 HOH 8  110 110 HOH HOH A . 
E 4 HOH 9  111 111 HOH HOH A . 
E 4 HOH 10 112 112 HOH HOH A . 
E 4 HOH 11 115 115 HOH HOH A . 
E 4 HOH 12 116 116 HOH HOH A . 
E 4 HOH 13 117 117 HOH HOH A . 
E 4 HOH 14 118 118 HOH HOH A . 
E 4 HOH 15 119 119 HOH HOH A . 
E 4 HOH 16 120 120 HOH HOH A . 
E 4 HOH 17 121 121 HOH HOH A . 
E 4 HOH 18 123 123 HOH HOH A . 
E 4 HOH 19 124 124 HOH HOH A . 
E 4 HOH 20 126 126 HOH HOH A . 
E 4 HOH 21 127 127 HOH HOH A . 
E 4 HOH 22 128 128 HOH HOH A . 
E 4 HOH 23 133 133 HOH HOH A . 
E 4 HOH 24 136 136 HOH HOH A . 
E 4 HOH 25 138 138 HOH HOH A . 
E 4 HOH 26 139 139 HOH HOH A . 
E 4 HOH 27 141 141 HOH HOH A . 
E 4 HOH 28 144 144 HOH HOH A . 
E 4 HOH 29 146 146 HOH HOH A . 
E 4 HOH 30 150 150 HOH HOH A . 
E 4 HOH 31 155 155 HOH HOH A . 
E 4 HOH 32 156 156 HOH HOH A . 
E 4 HOH 33 161 161 HOH HOH A . 
E 4 HOH 34 162 162 HOH HOH A . 
E 4 HOH 35 163 163 HOH HOH A . 
E 4 HOH 36 164 164 HOH HOH A . 
E 4 HOH 37 166 166 HOH HOH A . 
E 4 HOH 38 168 168 HOH HOH A . 
E 4 HOH 39 169 169 HOH HOH A . 
E 4 HOH 40 170 170 HOH HOH A . 
E 4 HOH 41 174 174 HOH HOH A . 
E 4 HOH 42 175 175 HOH HOH A . 
E 4 HOH 43 176 176 HOH HOH A . 
E 4 HOH 44 177 177 HOH HOH A . 
E 4 HOH 45 178 178 HOH HOH A . 
E 4 HOH 46 179 179 HOH HOH A . 
E 4 HOH 47 180 180 HOH HOH A . 
E 4 HOH 48 181 181 HOH HOH A . 
E 4 HOH 49 182 182 HOH HOH A . 
E 4 HOH 50 185 185 HOH HOH A . 
E 4 HOH 51 186 186 HOH HOH A . 
E 4 HOH 52 187 187 HOH HOH A . 
E 4 HOH 53 188 188 HOH HOH A . 
E 4 HOH 54 190 190 HOH HOH A . 
E 4 HOH 55 191 191 HOH HOH A . 
E 4 HOH 56 192 192 HOH HOH A . 
E 4 HOH 57 193 193 HOH HOH A . 
E 4 HOH 58 194 194 HOH HOH A . 
E 4 HOH 59 196 196 HOH HOH A . 
E 4 HOH 60 197 197 HOH HOH A . 
E 4 HOH 61 198 198 HOH HOH A . 
E 4 HOH 62 199 199 HOH HOH A . 
E 4 HOH 63 200 200 HOH HOH A . 
E 4 HOH 64 201 201 HOH HOH A . 
E 4 HOH 65 202 202 HOH HOH A . 
E 4 HOH 66 204 204 HOH HOH A . 
E 4 HOH 67 205 205 HOH HOH A . 
F 4 HOH 1  105 105 HOH HOH B . 
F 4 HOH 2  113 113 HOH HOH B . 
F 4 HOH 3  114 114 HOH HOH B . 
F 4 HOH 4  122 122 HOH HOH B . 
F 4 HOH 5  125 125 HOH HOH B . 
F 4 HOH 6  129 129 HOH HOH B . 
F 4 HOH 7  130 130 HOH HOH B . 
F 4 HOH 8  131 131 HOH HOH B . 
F 4 HOH 9  132 132 HOH HOH B . 
F 4 HOH 10 134 134 HOH HOH B . 
F 4 HOH 11 135 135 HOH HOH B . 
F 4 HOH 12 137 137 HOH HOH B . 
F 4 HOH 13 140 140 HOH HOH B . 
F 4 HOH 14 142 142 HOH HOH B . 
F 4 HOH 15 143 143 HOH HOH B . 
F 4 HOH 16 145 145 HOH HOH B . 
F 4 HOH 17 147 147 HOH HOH B . 
F 4 HOH 18 148 148 HOH HOH B . 
F 4 HOH 19 149 149 HOH HOH B . 
F 4 HOH 20 151 151 HOH HOH B . 
F 4 HOH 21 152 152 HOH HOH B . 
F 4 HOH 22 153 153 HOH HOH B . 
F 4 HOH 23 154 154 HOH HOH B . 
F 4 HOH 24 157 157 HOH HOH B . 
F 4 HOH 25 158 158 HOH HOH B . 
F 4 HOH 26 159 159 HOH HOH B . 
F 4 HOH 27 160 160 HOH HOH B . 
F 4 HOH 28 165 165 HOH HOH B . 
F 4 HOH 29 167 167 HOH HOH B . 
F 4 HOH 30 171 171 HOH HOH B . 
F 4 HOH 31 172 172 HOH HOH B . 
F 4 HOH 32 173 173 HOH HOH B . 
F 4 HOH 33 183 183 HOH HOH B . 
F 4 HOH 34 184 184 HOH HOH B . 
F 4 HOH 35 189 189 HOH HOH B . 
F 4 HOH 36 195 195 HOH HOH B . 
F 4 HOH 37 203 203 HOH HOH B . 
F 4 HOH 38 206 206 HOH HOH B . 
F 4 HOH 39 207 207 HOH HOH B . 
F 4 HOH 40 208 208 HOH HOH B . 
F 4 HOH 41 209 209 HOH HOH B . 
F 4 HOH 42 210 210 HOH HOH B . 
F 4 HOH 43 211 211 HOH HOH B . 
F 4 HOH 44 212 212 HOH HOH B . 
# 
loop_
_pdbx_struct_mod_residue.id 
_pdbx_struct_mod_residue.label_asym_id 
_pdbx_struct_mod_residue.label_comp_id 
_pdbx_struct_mod_residue.label_seq_id 
_pdbx_struct_mod_residue.auth_asym_id 
_pdbx_struct_mod_residue.auth_comp_id 
_pdbx_struct_mod_residue.auth_seq_id 
_pdbx_struct_mod_residue.PDB_ins_code 
_pdbx_struct_mod_residue.parent_comp_id 
_pdbx_struct_mod_residue.details 
1 A TFE 6 A TFE 6  ? DT ? 
2 B TFE 6 B TFE 16 ? DT ? 
# 
_pdbx_struct_assembly.id                   1 
_pdbx_struct_assembly.details              author_defined_assembly 
_pdbx_struct_assembly.method_details       ? 
_pdbx_struct_assembly.oligomeric_details   dimeric 
_pdbx_struct_assembly.oligomeric_count     2 
# 
_pdbx_struct_assembly_gen.assembly_id       1 
_pdbx_struct_assembly_gen.oper_expression   1 
_pdbx_struct_assembly_gen.asym_id_list      A,B,C,D,E,F 
# 
_pdbx_struct_oper_list.id                   1 
_pdbx_struct_oper_list.type                 'identity operation' 
_pdbx_struct_oper_list.name                 1_555 
_pdbx_struct_oper_list.symmetry_operation   x,y,z 
_pdbx_struct_oper_list.matrix[1][1]         1.0000000000 
_pdbx_struct_oper_list.matrix[1][2]         0.0000000000 
_pdbx_struct_oper_list.matrix[1][3]         0.0000000000 
_pdbx_struct_oper_list.vector[1]            0.0000000000 
_pdbx_struct_oper_list.matrix[2][1]         0.0000000000 
_pdbx_struct_oper_list.matrix[2][2]         1.0000000000 
_pdbx_struct_oper_list.matrix[2][3]         0.0000000000 
_pdbx_struct_oper_list.vector[2]            0.0000000000 
_pdbx_struct_oper_list.matrix[3][1]         0.0000000000 
_pdbx_struct_oper_list.matrix[3][2]         0.0000000000 
_pdbx_struct_oper_list.matrix[3][3]         1.0000000000 
_pdbx_struct_oper_list.vector[3]            0.0000000000 
# 
loop_
_pdbx_struct_conn_angle.id 
_pdbx_struct_conn_angle.ptnr1_label_atom_id 
_pdbx_struct_conn_angle.ptnr1_label_alt_id 
_pdbx_struct_conn_angle.ptnr1_label_asym_id 
_pdbx_struct_conn_angle.ptnr1_label_comp_id 
_pdbx_struct_conn_angle.ptnr1_label_seq_id 
_pdbx_struct_conn_angle.ptnr1_auth_atom_id 
_pdbx_struct_conn_angle.ptnr1_auth_asym_id 
_pdbx_struct_conn_angle.ptnr1_auth_comp_id 
_pdbx_struct_conn_angle.ptnr1_auth_seq_id 
_pdbx_struct_conn_angle.ptnr1_PDB_ins_code 
_pdbx_struct_conn_angle.ptnr1_symmetry 
_pdbx_struct_conn_angle.ptnr2_label_atom_id 
_pdbx_struct_conn_angle.ptnr2_label_alt_id 
_pdbx_struct_conn_angle.ptnr2_label_asym_id 
_pdbx_struct_conn_angle.ptnr2_label_comp_id 
_pdbx_struct_conn_angle.ptnr2_label_seq_id 
_pdbx_struct_conn_angle.ptnr2_auth_atom_id 
_pdbx_struct_conn_angle.ptnr2_auth_asym_id 
_pdbx_struct_conn_angle.ptnr2_auth_comp_id 
_pdbx_struct_conn_angle.ptnr2_auth_seq_id 
_pdbx_struct_conn_angle.ptnr2_PDB_ins_code 
_pdbx_struct_conn_angle.ptnr2_symmetry 
_pdbx_struct_conn_angle.ptnr3_label_atom_id 
_pdbx_struct_conn_angle.ptnr3_label_alt_id 
_pdbx_struct_conn_angle.ptnr3_label_asym_id 
_pdbx_struct_conn_angle.ptnr3_label_comp_id 
_pdbx_struct_conn_angle.ptnr3_label_seq_id 
_pdbx_struct_conn_angle.ptnr3_auth_atom_id 
_pdbx_struct_conn_angle.ptnr3_auth_asym_id 
_pdbx_struct_conn_angle.ptnr3_auth_comp_id 
_pdbx_struct_conn_angle.ptnr3_auth_seq_id 
_pdbx_struct_conn_angle.ptnr3_PDB_ins_code 
_pdbx_struct_conn_angle.ptnr3_symmetry 
_pdbx_struct_conn_angle.value 
_pdbx_struct_conn_angle.value_esd 
1  O ? E HOH . ? A HOH 102 ? 1_555 MG ? C MG . ? A MG 101 ? 1_555 O ? E HOH . ? A HOH 103 ? 1_555 95.4  ? 
2  O ? E HOH . ? A HOH 102 ? 1_555 MG ? C MG . ? A MG 101 ? 1_555 O ? E HOH . ? A HOH 104 ? 1_555 81.9  ? 
3  O ? E HOH . ? A HOH 103 ? 1_555 MG ? C MG . ? A MG 101 ? 1_555 O ? E HOH . ? A HOH 104 ? 1_555 177.3 ? 
4  O ? E HOH . ? A HOH 102 ? 1_555 MG ? C MG . ? A MG 101 ? 1_555 O ? E HOH . ? A HOH 106 ? 1_555 85.2  ? 
5  O ? E HOH . ? A HOH 103 ? 1_555 MG ? C MG . ? A MG 101 ? 1_555 O ? E HOH . ? A HOH 106 ? 1_555 72.6  ? 
6  O ? E HOH . ? A HOH 104 ? 1_555 MG ? C MG . ? A MG 101 ? 1_555 O ? E HOH . ? A HOH 106 ? 1_555 107.1 ? 
7  O ? E HOH . ? A HOH 102 ? 1_555 MG ? C MG . ? A MG 101 ? 1_555 O A E HOH . ? A HOH 107 ? 1_555 94.7  ? 
8  O ? E HOH . ? A HOH 103 ? 1_555 MG ? C MG . ? A MG 101 ? 1_555 O A E HOH . ? A HOH 107 ? 1_555 103.2 ? 
9  O ? E HOH . ? A HOH 104 ? 1_555 MG ? C MG . ? A MG 101 ? 1_555 O A E HOH . ? A HOH 107 ? 1_555 77.1  ? 
10 O ? E HOH . ? A HOH 106 ? 1_555 MG ? C MG . ? A MG 101 ? 1_555 O A E HOH . ? A HOH 107 ? 1_555 175.8 ? 
11 O ? E HOH . ? A HOH 102 ? 1_555 MG ? C MG . ? A MG 101 ? 1_555 O B F HOH . ? B HOH 105 ? 1_555 150.9 ? 
12 O ? E HOH . ? A HOH 103 ? 1_555 MG ? C MG . ? A MG 101 ? 1_555 O B F HOH . ? B HOH 105 ? 1_555 93.5  ? 
13 O ? E HOH . ? A HOH 104 ? 1_555 MG ? C MG . ? A MG 101 ? 1_555 O B F HOH . ? B HOH 105 ? 1_555 88.8  ? 
14 O ? E HOH . ? A HOH 106 ? 1_555 MG ? C MG . ? A MG 101 ? 1_555 O B F HOH . ? B HOH 105 ? 1_555 123.9 ? 
15 O A E HOH . ? A HOH 107 ? 1_555 MG ? C MG . ? A MG 101 ? 1_555 O B F HOH . ? B HOH 105 ? 1_555 56.3  ? 
# 
loop_
_pdbx_audit_revision_history.ordinal 
_pdbx_audit_revision_history.data_content_type 
_pdbx_audit_revision_history.major_revision 
_pdbx_audit_revision_history.minor_revision 
_pdbx_audit_revision_history.revision_date 
1 'Structure model' 1 0 2005-06-28 
2 'Structure model' 1 1 2008-04-30 
3 'Structure model' 1 2 2011-07-13 
4 'Structure model' 1 3 2023-08-23 
# 
_pdbx_audit_revision_details.ordinal             1 
_pdbx_audit_revision_details.revision_ordinal    1 
_pdbx_audit_revision_details.data_content_type   'Structure model' 
_pdbx_audit_revision_details.provider            repository 
_pdbx_audit_revision_details.type                'Initial release' 
_pdbx_audit_revision_details.description         ? 
_pdbx_audit_revision_details.details             ? 
# 
loop_
_pdbx_audit_revision_group.ordinal 
_pdbx_audit_revision_group.revision_ordinal 
_pdbx_audit_revision_group.data_content_type 
_pdbx_audit_revision_group.group 
1 2 'Structure model' 'Version format compliance' 
2 3 'Structure model' 'Version format compliance' 
3 4 'Structure model' 'Data collection'           
4 4 'Structure model' 'Database references'       
5 4 'Structure model' 'Derived calculations'      
6 4 'Structure model' 'Refinement description'    
# 
loop_
_pdbx_audit_revision_category.ordinal 
_pdbx_audit_revision_category.revision_ordinal 
_pdbx_audit_revision_category.data_content_type 
_pdbx_audit_revision_category.category 
1 4 'Structure model' chem_comp_atom                
2 4 'Structure model' chem_comp_bond                
3 4 'Structure model' database_2                    
4 4 'Structure model' pdbx_initial_refinement_model 
5 4 'Structure model' pdbx_struct_conn_angle        
6 4 'Structure model' struct_conn                   
7 4 'Structure model' struct_site                   
# 
loop_
_pdbx_audit_revision_item.ordinal 
_pdbx_audit_revision_item.revision_ordinal 
_pdbx_audit_revision_item.data_content_type 
_pdbx_audit_revision_item.item 
1  4 'Structure model' '_database_2.pdbx_DOI'                        
2  4 'Structure model' '_database_2.pdbx_database_accession'         
3  4 'Structure model' '_pdbx_struct_conn_angle.ptnr1_auth_asym_id'  
4  4 'Structure model' '_pdbx_struct_conn_angle.ptnr1_auth_seq_id'   
5  4 'Structure model' '_pdbx_struct_conn_angle.ptnr1_label_alt_id'  
6  4 'Structure model' '_pdbx_struct_conn_angle.ptnr1_label_asym_id' 
7  4 'Structure model' '_pdbx_struct_conn_angle.ptnr3_auth_asym_id'  
8  4 'Structure model' '_pdbx_struct_conn_angle.ptnr3_auth_seq_id'   
9  4 'Structure model' '_pdbx_struct_conn_angle.ptnr3_label_alt_id'  
10 4 'Structure model' '_pdbx_struct_conn_angle.ptnr3_label_asym_id' 
11 4 'Structure model' '_pdbx_struct_conn_angle.value'               
12 4 'Structure model' '_struct_conn.conn_type_id'                   
13 4 'Structure model' '_struct_conn.id'                             
14 4 'Structure model' '_struct_conn.pdbx_dist_value'                
15 4 'Structure model' '_struct_conn.pdbx_leaving_atom_flag'         
16 4 'Structure model' '_struct_conn.pdbx_ptnr2_label_alt_id'        
17 4 'Structure model' '_struct_conn.ptnr1_auth_asym_id'             
18 4 'Structure model' '_struct_conn.ptnr1_auth_comp_id'             
19 4 'Structure model' '_struct_conn.ptnr1_auth_seq_id'              
20 4 'Structure model' '_struct_conn.ptnr1_label_asym_id'            
21 4 'Structure model' '_struct_conn.ptnr1_label_atom_id'            
22 4 'Structure model' '_struct_conn.ptnr1_label_comp_id'            
23 4 'Structure model' '_struct_conn.ptnr1_label_seq_id'             
24 4 'Structure model' '_struct_conn.ptnr2_auth_asym_id'             
25 4 'Structure model' '_struct_conn.ptnr2_auth_comp_id'             
26 4 'Structure model' '_struct_conn.ptnr2_auth_seq_id'              
27 4 'Structure model' '_struct_conn.ptnr2_label_asym_id'            
28 4 'Structure model' '_struct_conn.ptnr2_label_atom_id'            
29 4 'Structure model' '_struct_conn.ptnr2_label_comp_id'            
30 4 'Structure model' '_struct_conn.ptnr2_label_seq_id'             
31 4 'Structure model' '_struct_site.pdbx_auth_asym_id'              
32 4 'Structure model' '_struct_site.pdbx_auth_comp_id'              
33 4 'Structure model' '_struct_site.pdbx_auth_seq_id'               
# 
loop_
_software.name 
_software.classification 
_software.version 
_software.citation_id 
_software.pdbx_ordinal 
DENZO     'data reduction' . ? 1 
SCALEPACK 'data scaling'   . ? 2 
AMoRE     phasing          . ? 3 
CNS       refinement       . ? 4 
# 
_pdbx_validate_planes.id              1 
_pdbx_validate_planes.PDB_model_num   1 
_pdbx_validate_planes.auth_comp_id    DG 
_pdbx_validate_planes.auth_asym_id    B 
_pdbx_validate_planes.auth_seq_id     19 
_pdbx_validate_planes.PDB_ins_code    ? 
_pdbx_validate_planes.label_alt_id    ? 
_pdbx_validate_planes.rmsd            0.056 
_pdbx_validate_planes.type            'SIDE CHAIN' 
# 
loop_
_chem_comp_atom.comp_id 
_chem_comp_atom.atom_id 
_chem_comp_atom.type_symbol 
_chem_comp_atom.pdbx_aromatic_flag 
_chem_comp_atom.pdbx_stereo_config 
_chem_comp_atom.pdbx_ordinal 
DA  OP3    O  N N 1   
DA  P      P  N N 2   
DA  OP1    O  N N 3   
DA  OP2    O  N N 4   
DA  "O5'"  O  N N 5   
DA  "C5'"  C  N N 6   
DA  "C4'"  C  N R 7   
DA  "O4'"  O  N N 8   
DA  "C3'"  C  N S 9   
DA  "O3'"  O  N N 10  
DA  "C2'"  C  N N 11  
DA  "C1'"  C  N R 12  
DA  N9     N  Y N 13  
DA  C8     C  Y N 14  
DA  N7     N  Y N 15  
DA  C5     C  Y N 16  
DA  C6     C  Y N 17  
DA  N6     N  N N 18  
DA  N1     N  Y N 19  
DA  C2     C  Y N 20  
DA  N3     N  Y N 21  
DA  C4     C  Y N 22  
DA  HOP3   H  N N 23  
DA  HOP2   H  N N 24  
DA  "H5'"  H  N N 25  
DA  "H5''" H  N N 26  
DA  "H4'"  H  N N 27  
DA  "H3'"  H  N N 28  
DA  "HO3'" H  N N 29  
DA  "H2'"  H  N N 30  
DA  "H2''" H  N N 31  
DA  "H1'"  H  N N 32  
DA  H8     H  N N 33  
DA  H61    H  N N 34  
DA  H62    H  N N 35  
DA  H2     H  N N 36  
DC  OP3    O  N N 37  
DC  P      P  N N 38  
DC  OP1    O  N N 39  
DC  OP2    O  N N 40  
DC  "O5'"  O  N N 41  
DC  "C5'"  C  N N 42  
DC  "C4'"  C  N R 43  
DC  "O4'"  O  N N 44  
DC  "C3'"  C  N S 45  
DC  "O3'"  O  N N 46  
DC  "C2'"  C  N N 47  
DC  "C1'"  C  N R 48  
DC  N1     N  N N 49  
DC  C2     C  N N 50  
DC  O2     O  N N 51  
DC  N3     N  N N 52  
DC  C4     C  N N 53  
DC  N4     N  N N 54  
DC  C5     C  N N 55  
DC  C6     C  N N 56  
DC  HOP3   H  N N 57  
DC  HOP2   H  N N 58  
DC  "H5'"  H  N N 59  
DC  "H5''" H  N N 60  
DC  "H4'"  H  N N 61  
DC  "H3'"  H  N N 62  
DC  "HO3'" H  N N 63  
DC  "H2'"  H  N N 64  
DC  "H2''" H  N N 65  
DC  "H1'"  H  N N 66  
DC  H41    H  N N 67  
DC  H42    H  N N 68  
DC  H5     H  N N 69  
DC  H6     H  N N 70  
DG  OP3    O  N N 71  
DG  P      P  N N 72  
DG  OP1    O  N N 73  
DG  OP2    O  N N 74  
DG  "O5'"  O  N N 75  
DG  "C5'"  C  N N 76  
DG  "C4'"  C  N R 77  
DG  "O4'"  O  N N 78  
DG  "C3'"  C  N S 79  
DG  "O3'"  O  N N 80  
DG  "C2'"  C  N N 81  
DG  "C1'"  C  N R 82  
DG  N9     N  Y N 83  
DG  C8     C  Y N 84  
DG  N7     N  Y N 85  
DG  C5     C  Y N 86  
DG  C6     C  N N 87  
DG  O6     O  N N 88  
DG  N1     N  N N 89  
DG  C2     C  N N 90  
DG  N2     N  N N 91  
DG  N3     N  N N 92  
DG  C4     C  Y N 93  
DG  HOP3   H  N N 94  
DG  HOP2   H  N N 95  
DG  "H5'"  H  N N 96  
DG  "H5''" H  N N 97  
DG  "H4'"  H  N N 98  
DG  "H3'"  H  N N 99  
DG  "HO3'" H  N N 100 
DG  "H2'"  H  N N 101 
DG  "H2''" H  N N 102 
DG  "H1'"  H  N N 103 
DG  H8     H  N N 104 
DG  H1     H  N N 105 
DG  H21    H  N N 106 
DG  H22    H  N N 107 
DT  OP3    O  N N 108 
DT  P      P  N N 109 
DT  OP1    O  N N 110 
DT  OP2    O  N N 111 
DT  "O5'"  O  N N 112 
DT  "C5'"  C  N N 113 
DT  "C4'"  C  N R 114 
DT  "O4'"  O  N N 115 
DT  "C3'"  C  N S 116 
DT  "O3'"  O  N N 117 
DT  "C2'"  C  N N 118 
DT  "C1'"  C  N R 119 
DT  N1     N  N N 120 
DT  C2     C  N N 121 
DT  O2     O  N N 122 
DT  N3     N  N N 123 
DT  C4     C  N N 124 
DT  O4     O  N N 125 
DT  C5     C  N N 126 
DT  C7     C  N N 127 
DT  C6     C  N N 128 
DT  HOP3   H  N N 129 
DT  HOP2   H  N N 130 
DT  "H5'"  H  N N 131 
DT  "H5''" H  N N 132 
DT  "H4'"  H  N N 133 
DT  "H3'"  H  N N 134 
DT  "HO3'" H  N N 135 
DT  "H2'"  H  N N 136 
DT  "H2''" H  N N 137 
DT  "H1'"  H  N N 138 
DT  H3     H  N N 139 
DT  H71    H  N N 140 
DT  H72    H  N N 141 
DT  H73    H  N N 142 
DT  H6     H  N N 143 
HOH O      O  N N 144 
HOH H1     H  N N 145 
HOH H2     H  N N 146 
MG  MG     MG N N 147 
SPM N1     N  N N 148 
SPM C2     C  N N 149 
SPM C3     C  N N 150 
SPM C4     C  N N 151 
SPM N5     N  N N 152 
SPM C6     C  N N 153 
SPM C7     C  N N 154 
SPM C8     C  N N 155 
SPM C9     C  N N 156 
SPM N10    N  N N 157 
SPM C11    C  N N 158 
SPM C12    C  N N 159 
SPM C13    C  N N 160 
SPM N14    N  N N 161 
SPM HN11   H  N N 162 
SPM HN12   H  N N 163 
SPM H21    H  N N 164 
SPM H22    H  N N 165 
SPM H31    H  N N 166 
SPM H32    H  N N 167 
SPM H41    H  N N 168 
SPM H42    H  N N 169 
SPM HN5    H  N N 170 
SPM H61    H  N N 171 
SPM H62    H  N N 172 
SPM H71    H  N N 173 
SPM H72    H  N N 174 
SPM H81    H  N N 175 
SPM H82    H  N N 176 
SPM H91    H  N N 177 
SPM H92    H  N N 178 
SPM HN0    H  N N 179 
SPM H111   H  N N 180 
SPM H112   H  N N 181 
SPM H121   H  N N 182 
SPM H122   H  N N 183 
SPM H131   H  N N 184 
SPM H132   H  N N 185 
SPM HN41   H  N N 186 
SPM HN42   H  N N 187 
TFE P      P  N N 188 
TFE OP1    O  N N 189 
TFE OP2    O  N N 190 
TFE "O5'"  O  N N 191 
TFE "C5'"  C  N N 192 
TFE "C4'"  C  N R 193 
TFE "O4'"  O  N N 194 
TFE "C1'"  C  N R 195 
TFE N1     N  N N 196 
TFE C6     C  N N 197 
TFE C2     C  N N 198 
TFE O2     O  N N 199 
TFE N3     N  N N 200 
TFE C4     C  N N 201 
TFE O4     O  N N 202 
TFE C5     C  N N 203 
TFE C5M    C  N N 204 
TFE "C2'"  C  N R 205 
TFE "O2'"  O  N N 206 
TFE "CB'"  C  N N 207 
TFE "CC'"  C  N N 208 
TFE "FD'"  F  N N 209 
TFE "FE'"  F  N N 210 
TFE "FF'"  F  N N 211 
TFE "C3'"  C  N R 212 
TFE "O3'"  O  N N 213 
TFE OP3    O  N N 214 
TFE HOP2   H  N N 215 
TFE "H5'"  H  N N 216 
TFE "H5''" H  N N 217 
TFE "H4'"  H  N N 218 
TFE "H1'"  H  N N 219 
TFE H6     H  N N 220 
TFE HN3    H  N N 221 
TFE H71    H  N N 222 
TFE H72    H  N N 223 
TFE H73    H  N N 224 
TFE "H2'"  H  N N 225 
TFE "HB'1" H  N N 226 
TFE "HB'2" H  N N 227 
TFE "H3'"  H  N N 228 
TFE "HO3'" H  N N 229 
TFE HOP3   H  N N 230 
# 
loop_
_chem_comp_bond.comp_id 
_chem_comp_bond.atom_id_1 
_chem_comp_bond.atom_id_2 
_chem_comp_bond.value_order 
_chem_comp_bond.pdbx_aromatic_flag 
_chem_comp_bond.pdbx_stereo_config 
_chem_comp_bond.pdbx_ordinal 
DA  OP3   P      sing N N 1   
DA  OP3   HOP3   sing N N 2   
DA  P     OP1    doub N N 3   
DA  P     OP2    sing N N 4   
DA  P     "O5'"  sing N N 5   
DA  OP2   HOP2   sing N N 6   
DA  "O5'" "C5'"  sing N N 7   
DA  "C5'" "C4'"  sing N N 8   
DA  "C5'" "H5'"  sing N N 9   
DA  "C5'" "H5''" sing N N 10  
DA  "C4'" "O4'"  sing N N 11  
DA  "C4'" "C3'"  sing N N 12  
DA  "C4'" "H4'"  sing N N 13  
DA  "O4'" "C1'"  sing N N 14  
DA  "C3'" "O3'"  sing N N 15  
DA  "C3'" "C2'"  sing N N 16  
DA  "C3'" "H3'"  sing N N 17  
DA  "O3'" "HO3'" sing N N 18  
DA  "C2'" "C1'"  sing N N 19  
DA  "C2'" "H2'"  sing N N 20  
DA  "C2'" "H2''" sing N N 21  
DA  "C1'" N9     sing N N 22  
DA  "C1'" "H1'"  sing N N 23  
DA  N9    C8     sing Y N 24  
DA  N9    C4     sing Y N 25  
DA  C8    N7     doub Y N 26  
DA  C8    H8     sing N N 27  
DA  N7    C5     sing Y N 28  
DA  C5    C6     sing Y N 29  
DA  C5    C4     doub Y N 30  
DA  C6    N6     sing N N 31  
DA  C6    N1     doub Y N 32  
DA  N6    H61    sing N N 33  
DA  N6    H62    sing N N 34  
DA  N1    C2     sing Y N 35  
DA  C2    N3     doub Y N 36  
DA  C2    H2     sing N N 37  
DA  N3    C4     sing Y N 38  
DC  OP3   P      sing N N 39  
DC  OP3   HOP3   sing N N 40  
DC  P     OP1    doub N N 41  
DC  P     OP2    sing N N 42  
DC  P     "O5'"  sing N N 43  
DC  OP2   HOP2   sing N N 44  
DC  "O5'" "C5'"  sing N N 45  
DC  "C5'" "C4'"  sing N N 46  
DC  "C5'" "H5'"  sing N N 47  
DC  "C5'" "H5''" sing N N 48  
DC  "C4'" "O4'"  sing N N 49  
DC  "C4'" "C3'"  sing N N 50  
DC  "C4'" "H4'"  sing N N 51  
DC  "O4'" "C1'"  sing N N 52  
DC  "C3'" "O3'"  sing N N 53  
DC  "C3'" "C2'"  sing N N 54  
DC  "C3'" "H3'"  sing N N 55  
DC  "O3'" "HO3'" sing N N 56  
DC  "C2'" "C1'"  sing N N 57  
DC  "C2'" "H2'"  sing N N 58  
DC  "C2'" "H2''" sing N N 59  
DC  "C1'" N1     sing N N 60  
DC  "C1'" "H1'"  sing N N 61  
DC  N1    C2     sing N N 62  
DC  N1    C6     sing N N 63  
DC  C2    O2     doub N N 64  
DC  C2    N3     sing N N 65  
DC  N3    C4     doub N N 66  
DC  C4    N4     sing N N 67  
DC  C4    C5     sing N N 68  
DC  N4    H41    sing N N 69  
DC  N4    H42    sing N N 70  
DC  C5    C6     doub N N 71  
DC  C5    H5     sing N N 72  
DC  C6    H6     sing N N 73  
DG  OP3   P      sing N N 74  
DG  OP3   HOP3   sing N N 75  
DG  P     OP1    doub N N 76  
DG  P     OP2    sing N N 77  
DG  P     "O5'"  sing N N 78  
DG  OP2   HOP2   sing N N 79  
DG  "O5'" "C5'"  sing N N 80  
DG  "C5'" "C4'"  sing N N 81  
DG  "C5'" "H5'"  sing N N 82  
DG  "C5'" "H5''" sing N N 83  
DG  "C4'" "O4'"  sing N N 84  
DG  "C4'" "C3'"  sing N N 85  
DG  "C4'" "H4'"  sing N N 86  
DG  "O4'" "C1'"  sing N N 87  
DG  "C3'" "O3'"  sing N N 88  
DG  "C3'" "C2'"  sing N N 89  
DG  "C3'" "H3'"  sing N N 90  
DG  "O3'" "HO3'" sing N N 91  
DG  "C2'" "C1'"  sing N N 92  
DG  "C2'" "H2'"  sing N N 93  
DG  "C2'" "H2''" sing N N 94  
DG  "C1'" N9     sing N N 95  
DG  "C1'" "H1'"  sing N N 96  
DG  N9    C8     sing Y N 97  
DG  N9    C4     sing Y N 98  
DG  C8    N7     doub Y N 99  
DG  C8    H8     sing N N 100 
DG  N7    C5     sing Y N 101 
DG  C5    C6     sing N N 102 
DG  C5    C4     doub Y N 103 
DG  C6    O6     doub N N 104 
DG  C6    N1     sing N N 105 
DG  N1    C2     sing N N 106 
DG  N1    H1     sing N N 107 
DG  C2    N2     sing N N 108 
DG  C2    N3     doub N N 109 
DG  N2    H21    sing N N 110 
DG  N2    H22    sing N N 111 
DG  N3    C4     sing N N 112 
DT  OP3   P      sing N N 113 
DT  OP3   HOP3   sing N N 114 
DT  P     OP1    doub N N 115 
DT  P     OP2    sing N N 116 
DT  P     "O5'"  sing N N 117 
DT  OP2   HOP2   sing N N 118 
DT  "O5'" "C5'"  sing N N 119 
DT  "C5'" "C4'"  sing N N 120 
DT  "C5'" "H5'"  sing N N 121 
DT  "C5'" "H5''" sing N N 122 
DT  "C4'" "O4'"  sing N N 123 
DT  "C4'" "C3'"  sing N N 124 
DT  "C4'" "H4'"  sing N N 125 
DT  "O4'" "C1'"  sing N N 126 
DT  "C3'" "O3'"  sing N N 127 
DT  "C3'" "C2'"  sing N N 128 
DT  "C3'" "H3'"  sing N N 129 
DT  "O3'" "HO3'" sing N N 130 
DT  "C2'" "C1'"  sing N N 131 
DT  "C2'" "H2'"  sing N N 132 
DT  "C2'" "H2''" sing N N 133 
DT  "C1'" N1     sing N N 134 
DT  "C1'" "H1'"  sing N N 135 
DT  N1    C2     sing N N 136 
DT  N1    C6     sing N N 137 
DT  C2    O2     doub N N 138 
DT  C2    N3     sing N N 139 
DT  N3    C4     sing N N 140 
DT  N3    H3     sing N N 141 
DT  C4    O4     doub N N 142 
DT  C4    C5     sing N N 143 
DT  C5    C7     sing N N 144 
DT  C5    C6     doub N N 145 
DT  C7    H71    sing N N 146 
DT  C7    H72    sing N N 147 
DT  C7    H73    sing N N 148 
DT  C6    H6     sing N N 149 
HOH O     H1     sing N N 150 
HOH O     H2     sing N N 151 
SPM N1    C2     sing N N 152 
SPM N1    HN11   sing N N 153 
SPM N1    HN12   sing N N 154 
SPM C2    C3     sing N N 155 
SPM C2    H21    sing N N 156 
SPM C2    H22    sing N N 157 
SPM C3    C4     sing N N 158 
SPM C3    H31    sing N N 159 
SPM C3    H32    sing N N 160 
SPM C4    N5     sing N N 161 
SPM C4    H41    sing N N 162 
SPM C4    H42    sing N N 163 
SPM N5    C6     sing N N 164 
SPM N5    HN5    sing N N 165 
SPM C6    C7     sing N N 166 
SPM C6    H61    sing N N 167 
SPM C6    H62    sing N N 168 
SPM C7    C8     sing N N 169 
SPM C7    H71    sing N N 170 
SPM C7    H72    sing N N 171 
SPM C8    C9     sing N N 172 
SPM C8    H81    sing N N 173 
SPM C8    H82    sing N N 174 
SPM C9    N10    sing N N 175 
SPM C9    H91    sing N N 176 
SPM C9    H92    sing N N 177 
SPM N10   C11    sing N N 178 
SPM N10   HN0    sing N N 179 
SPM C11   C12    sing N N 180 
SPM C11   H111   sing N N 181 
SPM C11   H112   sing N N 182 
SPM C12   C13    sing N N 183 
SPM C12   H121   sing N N 184 
SPM C12   H122   sing N N 185 
SPM C13   N14    sing N N 186 
SPM C13   H131   sing N N 187 
SPM C13   H132   sing N N 188 
SPM N14   HN41   sing N N 189 
SPM N14   HN42   sing N N 190 
TFE P     OP1    doub N N 191 
TFE P     OP2    sing N N 192 
TFE P     "O5'"  sing N N 193 
TFE P     OP3    sing N N 194 
TFE OP2   HOP2   sing N N 195 
TFE "O5'" "C5'"  sing N N 196 
TFE "C5'" "C4'"  sing N N 197 
TFE "C5'" "H5'"  sing N N 198 
TFE "C5'" "H5''" sing N N 199 
TFE "C4'" "O4'"  sing N N 200 
TFE "C4'" "C3'"  sing N N 201 
TFE "C4'" "H4'"  sing N N 202 
TFE "O4'" "C1'"  sing N N 203 
TFE "C1'" N1     sing N N 204 
TFE "C1'" "C2'"  sing N N 205 
TFE "C1'" "H1'"  sing N N 206 
TFE N1    C6     sing N N 207 
TFE N1    C2     sing N N 208 
TFE C6    C5     doub N N 209 
TFE C6    H6     sing N N 210 
TFE C2    O2     doub N N 211 
TFE C2    N3     sing N N 212 
TFE N3    C4     sing N N 213 
TFE N3    HN3    sing N N 214 
TFE C4    O4     doub N N 215 
TFE C4    C5     sing N N 216 
TFE C5    C5M    sing N N 217 
TFE C5M   H71    sing N N 218 
TFE C5M   H72    sing N N 219 
TFE C5M   H73    sing N N 220 
TFE "C2'" "O2'"  sing N N 221 
TFE "C2'" "C3'"  sing N N 222 
TFE "C2'" "H2'"  sing N N 223 
TFE "O2'" "CB'"  sing N N 224 
TFE "CB'" "CC'"  sing N N 225 
TFE "CB'" "HB'1" sing N N 226 
TFE "CB'" "HB'2" sing N N 227 
TFE "CC'" "FD'"  sing N N 228 
TFE "CC'" "FE'"  sing N N 229 
TFE "CC'" "FF'"  sing N N 230 
TFE "C3'" "O3'"  sing N N 231 
TFE "C3'" "H3'"  sing N N 232 
TFE "O3'" "HO3'" sing N N 233 
TFE OP3   HOP3   sing N N 234 
# 
_ndb_struct_conf_na.entry_id   1Y8L 
_ndb_struct_conf_na.feature    'a-form double helix' 
# 
loop_
_ndb_struct_na_base_pair.model_number 
_ndb_struct_na_base_pair.i_label_asym_id 
_ndb_struct_na_base_pair.i_label_comp_id 
_ndb_struct_na_base_pair.i_label_seq_id 
_ndb_struct_na_base_pair.i_symmetry 
_ndb_struct_na_base_pair.j_label_asym_id 
_ndb_struct_na_base_pair.j_label_comp_id 
_ndb_struct_na_base_pair.j_label_seq_id 
_ndb_struct_na_base_pair.j_symmetry 
_ndb_struct_na_base_pair.shear 
_ndb_struct_na_base_pair.stretch 
_ndb_struct_na_base_pair.stagger 
_ndb_struct_na_base_pair.buckle 
_ndb_struct_na_base_pair.propeller 
_ndb_struct_na_base_pair.opening 
_ndb_struct_na_base_pair.pair_number 
_ndb_struct_na_base_pair.pair_name 
_ndb_struct_na_base_pair.i_auth_asym_id 
_ndb_struct_na_base_pair.i_auth_seq_id 
_ndb_struct_na_base_pair.i_PDB_ins_code 
_ndb_struct_na_base_pair.j_auth_asym_id 
_ndb_struct_na_base_pair.j_auth_seq_id 
_ndb_struct_na_base_pair.j_PDB_ins_code 
_ndb_struct_na_base_pair.hbond_type_28 
_ndb_struct_na_base_pair.hbond_type_12 
1 A DG  1  1_555 B DC  10 1_555 -0.362 -0.198 0.103  3.026  -9.868  -2.289 1  A_DG1:DC20_B  A 1  ? B 20 ? 19 1 
1 A DC  2  1_555 B DG  9  1_555 0.061  -0.017 -0.115 6.629  -16.977 0.325  2  A_DC2:DG19_B  A 2  ? B 19 ? 19 1 
1 A DG  3  1_555 B DC  8  1_555 -0.382 -0.173 -0.033 -8.621 -15.567 1.608  3  A_DG3:DC18_B  A 3  ? B 18 ? 19 1 
1 A DT  4  1_555 B DA  7  1_555 -0.153 -0.144 -0.029 -3.113 -16.309 0.440  4  A_DT4:DA17_B  A 4  ? B 17 ? 20 1 
1 A DA  5  1_555 B TFE 6  1_555 0.220  -0.115 0.194  -0.629 -12.292 -3.126 5  A_DA5:TFE16_B A 5  ? B 16 ? 20 1 
1 A TFE 6  1_555 B DA  5  1_555 -0.166 -0.128 0.187  6.595  -11.840 2.953  6  A_TFE6:DA15_B A 6  ? B 15 ? 20 1 
1 A DA  7  1_555 B DT  4  1_555 -0.092 -0.182 -0.086 3.250  -14.536 1.482  7  A_DA7:DT14_B  A 7  ? B 14 ? 20 1 
1 A DC  8  1_555 B DG  3  1_555 0.207  -0.151 -0.193 10.600 -15.175 1.092  8  A_DC8:DG13_B  A 8  ? B 13 ? 19 1 
1 A DG  9  1_555 B DC  2  1_555 -0.175 -0.144 0.008  -6.494 -11.669 1.638  9  A_DG9:DC12_B  A 9  ? B 12 ? 19 1 
1 A DC  10 1_555 B DG  1  1_555 0.255  -0.130 0.004  -2.347 5.129   -0.118 10 A_DC10:DG11_B A 10 ? B 11 ? 19 1 
# 
loop_
_ndb_struct_na_base_pair_step.model_number 
_ndb_struct_na_base_pair_step.i_label_asym_id_1 
_ndb_struct_na_base_pair_step.i_label_comp_id_1 
_ndb_struct_na_base_pair_step.i_label_seq_id_1 
_ndb_struct_na_base_pair_step.i_symmetry_1 
_ndb_struct_na_base_pair_step.j_label_asym_id_1 
_ndb_struct_na_base_pair_step.j_label_comp_id_1 
_ndb_struct_na_base_pair_step.j_label_seq_id_1 
_ndb_struct_na_base_pair_step.j_symmetry_1 
_ndb_struct_na_base_pair_step.i_label_asym_id_2 
_ndb_struct_na_base_pair_step.i_label_comp_id_2 
_ndb_struct_na_base_pair_step.i_label_seq_id_2 
_ndb_struct_na_base_pair_step.i_symmetry_2 
_ndb_struct_na_base_pair_step.j_label_asym_id_2 
_ndb_struct_na_base_pair_step.j_label_comp_id_2 
_ndb_struct_na_base_pair_step.j_label_seq_id_2 
_ndb_struct_na_base_pair_step.j_symmetry_2 
_ndb_struct_na_base_pair_step.shift 
_ndb_struct_na_base_pair_step.slide 
_ndb_struct_na_base_pair_step.rise 
_ndb_struct_na_base_pair_step.tilt 
_ndb_struct_na_base_pair_step.roll 
_ndb_struct_na_base_pair_step.twist 
_ndb_struct_na_base_pair_step.x_displacement 
_ndb_struct_na_base_pair_step.y_displacement 
_ndb_struct_na_base_pair_step.helical_rise 
_ndb_struct_na_base_pair_step.inclination 
_ndb_struct_na_base_pair_step.tip 
_ndb_struct_na_base_pair_step.helical_twist 
_ndb_struct_na_base_pair_step.step_number 
_ndb_struct_na_base_pair_step.step_name 
_ndb_struct_na_base_pair_step.i_auth_asym_id_1 
_ndb_struct_na_base_pair_step.i_auth_seq_id_1 
_ndb_struct_na_base_pair_step.i_PDB_ins_code_1 
_ndb_struct_na_base_pair_step.j_auth_asym_id_1 
_ndb_struct_na_base_pair_step.j_auth_seq_id_1 
_ndb_struct_na_base_pair_step.j_PDB_ins_code_1 
_ndb_struct_na_base_pair_step.i_auth_asym_id_2 
_ndb_struct_na_base_pair_step.i_auth_seq_id_2 
_ndb_struct_na_base_pair_step.i_PDB_ins_code_2 
_ndb_struct_na_base_pair_step.j_auth_asym_id_2 
_ndb_struct_na_base_pair_step.j_auth_seq_id_2 
_ndb_struct_na_base_pair_step.j_PDB_ins_code_2 
1 A DG  1 1_555 B DC  10 1_555 A DC  2  1_555 B DG  9 1_555 0.366  -1.344 3.165 3.216  0.437  39.795 -2.018 -0.176 3.169 0.641  
-4.715 39.921 1 AA_DG1DC2:DG19DC20_BB   A 1 ? B 20 ? A 2  ? B 19 ? 
1 A DC  2 1_555 B DG  9  1_555 A DG  3  1_555 B DC  8 1_555 0.325  -2.107 3.556 0.203  12.559 25.082 -7.151 -0.625 2.264 26.874 
-0.434 28.006 2 AA_DC2DG3:DC18DG19_BB   A 2 ? B 19 ? A 3  ? B 18 ? 
1 A DG  3 1_555 B DC  8  1_555 A DT  4  1_555 B DA  7 1_555 -1.088 -1.385 3.048 -3.279 6.579  36.529 -2.963 1.307  2.848 10.367 
5.167  37.237 3 AA_DG3DT4:DA17DC18_BB   A 3 ? B 18 ? A 4  ? B 17 ? 
1 A DT  4 1_555 B DA  7  1_555 A DA  5  1_555 B TFE 6 1_555 0.573  -1.509 3.169 0.743  17.899 25.898 -5.598 -0.942 1.792 35.092 
-1.456 31.403 4 AA_DT4DA5:TFE16DA17_BB  A 4 ? B 17 ? A 5  ? B 16 ? 
1 A DA  5 1_555 B TFE 6  1_555 A TFE 6  1_555 B DA  5 1_555 0.640  -1.377 3.107 1.001  6.347  31.072 -3.584 -1.004 2.797 11.691 
-1.844 31.714 5 AA_DA5TFE6:DA15TFE16_BB A 5 ? B 16 ? A 6  ? B 15 ? 
1 A TFE 6 1_555 B DA  5  1_555 A DA  7  1_555 B DT  4 1_555 -0.139 -1.343 3.200 1.903  13.545 31.588 -4.179 0.503  2.426 23.549 
-3.309 34.353 6 AA_TFE6DA7:DT14DA15_BB  A 6 ? B 15 ? A 7  ? B 14 ? 
1 A DA  7 1_555 B DT  4  1_555 A DC  8  1_555 B DG  3 1_555 0.218  -1.601 3.208 1.356  5.839  31.511 -3.885 -0.165 2.879 10.632 
-2.469 32.062 7 AA_DA7DC8:DG13DT14_BB   A 7 ? B 14 ? A 8  ? B 13 ? 
1 A DC  8 1_555 B DG  3  1_555 A DG  9  1_555 B DC  2 1_555 -0.332 -1.924 3.596 -1.635 13.614 29.077 -5.875 0.312  2.485 25.410 
3.052  32.085 8 AA_DC8DG9:DC12DG13_BB   A 8 ? B 13 ? A 9  ? B 12 ? 
1 A DG  9 1_555 B DC  2  1_555 A DC  10 1_555 B DG  1 1_555 0.200  -1.614 3.302 1.362  2.097  35.211 -2.971 -0.129 3.209 3.460  
-2.248 35.297 9 AA_DG9DC10:DG11DC12_BB  A 9 ? B 12 ? A 10 ? B 11 ? 
# 
loop_
_pdbx_entity_nonpoly.entity_id 
_pdbx_entity_nonpoly.name 
_pdbx_entity_nonpoly.comp_id 
2 'MAGNESIUM ION' MG  
3 SPERMINE        SPM 
4 water           HOH 
# 
_pdbx_initial_refinement_model.id               1 
_pdbx_initial_refinement_model.entity_id_list   ? 
_pdbx_initial_refinement_model.type             'experimental model' 
_pdbx_initial_refinement_model.source_name      PDB 
_pdbx_initial_refinement_model.accession_code   410D 
_pdbx_initial_refinement_model.details          'pdb entry 410D' 
# 
